data_8U8F
#
_entry.id   8U8F
#
_cell.length_a   1.00
_cell.length_b   1.00
_cell.length_c   1.00
_cell.angle_alpha   90.00
_cell.angle_beta   90.00
_cell.angle_gamma   90.00
#
_symmetry.space_group_name_H-M   'P 1'
#
loop_
_entity.id
_entity.type
_entity.pdbx_description
1 polymer 'Guanine nucleotide-binding protein G(s) subunit alpha isoforms short'
2 polymer 'Guanine nucleotide-binding protein G(I)/G(S)/G(T) subunit beta-1'
3 polymer 'Guanine nucleotide-binding protein G(I)/G(S)/G(O) subunit gamma-2'
4 polymer 'G-protein coupled receptor 3'
5 non-polymer 'PALMITIC ACID'
#
loop_
_entity_poly.entity_id
_entity_poly.type
_entity_poly.pdbx_seq_one_letter_code
_entity_poly.pdbx_strand_id
1 'polypeptide(L)'
;MGCLGNSKTEDQRNEEKAQREANKKIEKQLQKDKQVYRATHRLLLLGAGESGKNTIVKQMRILHVNGFNGEGGEEDPQAA
RSNSDGEKATKVQDIKNNLKEAIETIVAAMSNLVPPVELANPENQFRVDYILSVMNVPDFDFPPEFYEHAKALWEDEGVR
ACYERSNEYQLIDCAQYFLDKIDVIKQADYVPSDQDLLRCRVLTSGIFETKFQVDKVNFHMFDVGAQRDERRKWIQCFND
VTAIIFVVASSSYNMVIREDNQTNRLQAALKLFDSIWNNKWLRDTSVILFLNKQDLLAEKVLAGKSKIEDYFPEFARYTT
PEDATPEPGEDPRVTRAKYFIRDEFLRISTASGDGRHYCYPHFTCSVDTENIRRVFNDCRDIIQRMHLRQYELL
;
A
2 'polypeptide(L)'
;QSELDQLRQEAEQLKNQIRDARKACADATLSQITNNIDPVGRIQMRTRRTLRGHLAKIYAMHWGTDSRLLVSASQDGKLI
IWDSYTTNKVHAIPLRSSWVMTCAYAPSGNYVACGGLDNICSIYNLKTREGNVRVSRELAGHTGYLSCCRFLDDNQIVTS
SGDTTCALWDIETGQQTTTFTGHTGDVMSLSLAPDTRLFVSGACDASAKLWDVREGMCRQTFTGHESDINAICFFPNGNA
FATGSDDATCRLFDLRADQELMTYSHDNIICGITSVSFSKSGRLLLAGYDDFNCNVWDALKADRAGVLAGHDNRVSCLGV
TDDGMAVATGSWDSFLKIWN
;
B
3 'polypeptide(L)' NTASIAQARKLVEQLKMEANIDRIKVSKAAADLMAYCEAHAKEDPLLTPVPASENPFR G
4 'polypeptide(L)'
;NSTMKTIIALSYIFCLVFADYKDDDDLEVLFQGPAMWGAGSPLAWLSAGSGNVNVSSVGPAEGPTGPAAPLPSPKAWDVV
LCISGTLVSCENALVVAIIVGTPAFRAPMFLLVGSLAVADLLAGLGLVLHFAAVFCIGSAEMSLVLVGVLAMAFTASIGS
LLAITVDRYLSLYNALTYYSETTVTRTYVMLALVWGGALGLGLLPVLAWNCLDGLTTCGVVYPLSKNHLVVLAIAFFMVF
GIMLQLYAQICRIVCRHAQQIALQRHLLPASHYVATRKGIATLAVVLGAFAACWLPFTVYCLLGDAHSPPLYTYLTLLPA
TYNSMINPIIYAFRNQDVQKVLWAVCCCCSSSKIPFRSRSPSDVPAGLEVLFQGPHHHHHHHHAAAFESR
;
R
#
loop_
_chem_comp.id
_chem_comp.type
_chem_comp.name
_chem_comp.formula
PLM non-polymer 'PALMITIC ACID' 'C16 H32 O2'
#
# COMPACT_ATOMS: atom_id res chain seq x y z
N ASN A 14 -13.61 -36.59 -3.72
CA ASN A 14 -13.90 -36.20 -5.12
C ASN A 14 -14.04 -34.70 -5.27
N GLU A 15 -14.72 -34.07 -4.29
CA GLU A 15 -14.95 -32.63 -4.37
C GLU A 15 -13.65 -31.84 -4.26
N GLU A 16 -12.62 -32.42 -3.63
CA GLU A 16 -11.33 -31.73 -3.57
C GLU A 16 -10.76 -31.51 -4.96
N LYS A 17 -10.79 -32.55 -5.79
CA LYS A 17 -10.25 -32.42 -7.14
C LYS A 17 -11.05 -31.43 -7.97
N ALA A 18 -12.38 -31.46 -7.86
CA ALA A 18 -13.21 -30.52 -8.60
C ALA A 18 -12.93 -29.09 -8.15
N GLN A 19 -12.81 -28.87 -6.84
CA GLN A 19 -12.53 -27.53 -6.34
C GLN A 19 -11.17 -27.04 -6.82
N ARG A 20 -10.16 -27.91 -6.79
CA ARG A 20 -8.84 -27.52 -7.27
C ARG A 20 -8.86 -27.22 -8.76
N GLU A 21 -9.60 -28.01 -9.53
CA GLU A 21 -9.72 -27.75 -10.97
C GLU A 21 -10.38 -26.41 -11.23
N ALA A 22 -11.44 -26.10 -10.48
CA ALA A 22 -12.10 -24.79 -10.63
C ALA A 22 -11.15 -23.67 -10.27
N ASN A 23 -10.39 -23.84 -9.18
CA ASN A 23 -9.42 -22.81 -8.79
C ASN A 23 -8.41 -22.58 -9.90
N LYS A 24 -7.86 -23.67 -10.46
CA LYS A 24 -6.88 -23.53 -11.53
C LYS A 24 -7.50 -22.87 -12.77
N LYS A 25 -8.74 -23.23 -13.08
CA LYS A 25 -9.41 -22.65 -14.25
C LYS A 25 -9.58 -21.15 -14.08
N ILE A 26 -10.02 -20.71 -12.90
CA ILE A 26 -10.22 -19.28 -12.69
C ILE A 26 -8.91 -18.55 -12.44
N GLU A 27 -7.84 -19.29 -12.12
CA GLU A 27 -6.54 -18.64 -11.95
C GLU A 27 -6.06 -18.04 -13.26
N LYS A 28 -6.39 -18.66 -14.39
CA LYS A 28 -6.03 -18.08 -15.69
C LYS A 28 -6.74 -16.74 -15.88
N GLN A 29 -8.02 -16.68 -15.53
CA GLN A 29 -8.75 -15.41 -15.65
C GLN A 29 -8.18 -14.37 -14.70
N LEU A 30 -7.81 -14.78 -13.48
CA LEU A 30 -7.20 -13.85 -12.55
C LEU A 30 -5.87 -13.32 -13.09
N GLN A 31 -5.08 -14.21 -13.71
CA GLN A 31 -3.82 -13.78 -14.29
C GLN A 31 -4.04 -12.82 -15.46
N LYS A 32 -5.09 -13.05 -16.26
CA LYS A 32 -5.42 -12.11 -17.33
C LYS A 32 -5.81 -10.75 -16.73
N ASP A 33 -6.60 -10.77 -15.66
CA ASP A 33 -6.94 -9.53 -14.99
C ASP A 33 -5.69 -8.82 -14.48
N LYS A 34 -4.69 -9.59 -14.05
CA LYS A 34 -3.43 -9.00 -13.61
C LYS A 34 -2.70 -8.36 -14.77
N GLN A 35 -2.52 -9.08 -15.88
CA GLN A 35 -1.73 -8.55 -16.98
C GLN A 35 -2.45 -7.41 -17.70
N VAL A 36 -3.75 -7.23 -17.45
CA VAL A 36 -4.42 -6.04 -17.99
C VAL A 36 -4.34 -4.89 -17.00
N TYR A 37 -4.69 -5.14 -15.73
CA TYR A 37 -4.72 -4.08 -14.74
C TYR A 37 -3.33 -3.54 -14.45
N ARG A 38 -2.33 -4.42 -14.40
CA ARG A 38 -1.00 -4.03 -13.95
C ARG A 38 -0.35 -3.02 -14.89
N ALA A 39 -0.87 -2.86 -16.10
CA ALA A 39 -0.32 -1.92 -17.07
C ALA A 39 -1.08 -0.60 -17.15
N THR A 40 -2.08 -0.39 -16.28
CA THR A 40 -2.88 0.82 -16.30
C THR A 40 -2.53 1.69 -15.10
N HIS A 41 -2.37 2.99 -15.34
CA HIS A 41 -2.02 3.96 -14.31
C HIS A 41 -3.28 4.71 -13.89
N ARG A 42 -3.51 4.80 -12.58
CA ARG A 42 -4.68 5.49 -12.06
C ARG A 42 -4.28 6.84 -11.49
N LEU A 43 -5.03 7.88 -11.84
CA LEU A 43 -4.77 9.24 -11.40
C LEU A 43 -6.00 9.82 -10.72
N LEU A 44 -5.77 10.74 -9.80
CA LEU A 44 -6.84 11.43 -9.09
C LEU A 44 -6.93 12.86 -9.60
N LEU A 45 -8.15 13.29 -9.94
CA LEU A 45 -8.40 14.65 -10.39
C LEU A 45 -9.07 15.43 -9.28
N LEU A 46 -8.47 16.57 -8.91
CA LEU A 46 -8.96 17.37 -7.81
C LEU A 46 -8.94 18.84 -8.20
N GLY A 47 -9.77 19.62 -7.54
CA GLY A 47 -9.83 21.05 -7.80
C GLY A 47 -11.05 21.67 -7.16
N ALA A 48 -11.18 22.97 -7.36
CA ALA A 48 -12.30 23.73 -6.84
C ALA A 48 -13.48 23.66 -7.79
N GLY A 49 -14.66 24.04 -7.29
CA GLY A 49 -15.85 24.02 -8.11
C GLY A 49 -15.74 24.92 -9.32
N GLU A 50 -15.20 26.13 -9.14
CA GLU A 50 -15.03 27.09 -10.22
C GLU A 50 -13.65 27.00 -10.86
N SER A 51 -13.00 25.84 -10.80
CA SER A 51 -11.67 25.64 -11.35
C SER A 51 -11.69 25.09 -12.77
N GLY A 52 -12.87 24.91 -13.37
CA GLY A 52 -12.95 24.35 -14.70
C GLY A 52 -12.66 22.88 -14.79
N LYS A 53 -12.82 22.15 -13.69
CA LYS A 53 -12.54 20.71 -13.71
C LYS A 53 -13.45 20.00 -14.70
N ASN A 54 -14.75 20.33 -14.71
CA ASN A 54 -15.65 19.73 -15.68
C ASN A 54 -15.24 20.07 -17.10
N THR A 55 -14.87 21.33 -17.34
CA THR A 55 -14.46 21.74 -18.70
C THR A 55 -13.22 21.00 -19.15
N ILE A 56 -12.21 20.87 -18.29
CA ILE A 56 -10.97 20.21 -18.69
C ILE A 56 -11.22 18.72 -18.87
N VAL A 57 -12.06 18.12 -18.03
CA VAL A 57 -12.40 16.71 -18.21
C VAL A 57 -13.07 16.50 -19.56
N LYS A 58 -14.03 17.37 -19.91
CA LYS A 58 -14.70 17.26 -21.20
C LYS A 58 -13.71 17.43 -22.34
N GLN A 59 -12.79 18.39 -22.22
CA GLN A 59 -11.81 18.62 -23.28
C GLN A 59 -10.91 17.42 -23.48
N MET A 60 -10.43 16.82 -22.39
CA MET A 60 -9.49 15.71 -22.49
C MET A 60 -10.17 14.36 -22.66
N ARG A 61 -11.49 14.29 -22.58
CA ARG A 61 -12.19 13.02 -22.77
C ARG A 61 -12.04 12.48 -24.18
N ILE A 62 -11.71 13.34 -25.14
CA ILE A 62 -11.54 12.92 -26.53
C ILE A 62 -10.08 12.62 -26.80
N SER A 205 -23.96 8.36 -10.62
CA SER A 205 -22.77 7.76 -10.02
C SER A 205 -21.91 8.83 -9.36
N GLY A 206 -21.18 8.42 -8.32
CA GLY A 206 -20.32 9.33 -7.60
C GLY A 206 -18.94 9.52 -8.18
N ILE A 207 -18.62 8.84 -9.28
CA ILE A 207 -17.32 8.97 -9.92
C ILE A 207 -17.53 9.02 -11.43
N PHE A 208 -16.83 9.95 -12.09
CA PHE A 208 -16.89 10.11 -13.54
C PHE A 208 -15.69 9.40 -14.14
N GLU A 209 -15.82 8.08 -14.30
CA GLU A 209 -14.72 7.28 -14.83
C GLU A 209 -14.37 7.73 -16.24
N THR A 210 -13.08 7.90 -16.50
CA THR A 210 -12.59 8.29 -17.82
C THR A 210 -11.36 7.46 -18.15
N LYS A 211 -11.29 6.96 -19.39
CA LYS A 211 -10.18 6.15 -19.84
C LYS A 211 -9.65 6.69 -21.17
N PHE A 212 -8.33 6.64 -21.34
CA PHE A 212 -7.70 7.09 -22.55
C PHE A 212 -6.35 6.41 -22.68
N GLN A 213 -5.82 6.40 -23.90
CA GLN A 213 -4.54 5.77 -24.21
C GLN A 213 -3.61 6.80 -24.84
N VAL A 214 -2.43 6.95 -24.24
CA VAL A 214 -1.38 7.82 -24.77
C VAL A 214 -0.11 6.98 -24.90
N ASP A 215 0.40 6.87 -26.12
CA ASP A 215 1.56 6.03 -26.40
C ASP A 215 1.30 4.59 -25.93
N LYS A 216 0.07 4.11 -26.14
CA LYS A 216 -0.31 2.75 -25.78
C LYS A 216 -0.24 2.54 -24.27
N VAL A 217 -0.24 3.62 -23.50
CA VAL A 217 -0.23 3.53 -22.04
C VAL A 217 -1.66 3.75 -21.54
N ASN A 218 -2.14 2.81 -20.73
CA ASN A 218 -3.51 2.85 -20.23
C ASN A 218 -3.60 3.80 -19.04
N PHE A 219 -4.47 4.79 -19.13
CA PHE A 219 -4.71 5.75 -18.06
C PHE A 219 -6.19 5.68 -17.66
N HIS A 220 -6.43 5.70 -16.35
CA HIS A 220 -7.80 5.62 -15.80
C HIS A 220 -7.85 6.54 -14.59
N MET A 221 -8.27 7.78 -14.80
CA MET A 221 -8.43 8.74 -13.73
C MET A 221 -9.91 8.86 -13.35
N PHE A 222 -10.16 8.93 -12.05
CA PHE A 222 -11.52 8.92 -11.50
C PHE A 222 -11.80 10.28 -10.85
N ASP A 223 -12.69 11.04 -11.45
CA ASP A 223 -13.14 12.29 -10.83
C ASP A 223 -14.01 11.99 -9.62
N VAL A 224 -14.05 12.93 -8.70
CA VAL A 224 -14.76 12.74 -7.44
C VAL A 224 -16.01 13.61 -7.42
N GLY A 225 -16.57 13.88 -8.60
CA GLY A 225 -17.77 14.68 -8.68
C GLY A 225 -18.95 14.02 -7.98
N ALA A 226 -19.97 14.83 -7.71
CA ALA A 226 -21.15 14.37 -6.99
C ALA A 226 -20.79 13.82 -5.62
N GLN A 227 -19.87 14.51 -4.93
CA GLN A 227 -19.44 14.12 -3.60
C GLN A 227 -19.38 15.36 -2.71
N ARG A 228 -19.48 15.12 -1.40
CA ARG A 228 -19.45 16.21 -0.44
C ARG A 228 -18.09 16.89 -0.44
N ASP A 229 -18.09 18.16 -0.02
CA ASP A 229 -16.86 18.94 0.03
C ASP A 229 -15.88 18.46 1.08
N GLU A 230 -16.30 17.57 1.99
CA GLU A 230 -15.42 17.05 3.03
C GLU A 230 -14.53 15.98 2.41
N ARG A 231 -13.35 16.39 1.96
CA ARG A 231 -12.41 15.51 1.29
C ARG A 231 -11.39 14.89 2.23
N ARG A 232 -11.49 15.14 3.54
CA ARG A 232 -10.48 14.67 4.47
C ARG A 232 -10.51 13.17 4.68
N LYS A 233 -11.52 12.46 4.18
CA LYS A 233 -11.66 11.03 4.42
C LYS A 233 -11.49 10.20 3.16
N TRP A 234 -12.27 10.46 2.11
CA TRP A 234 -12.17 9.65 0.91
C TRP A 234 -10.87 9.90 0.14
N ILE A 235 -10.14 10.96 0.47
CA ILE A 235 -8.87 11.21 -0.22
C ILE A 235 -7.86 10.11 0.11
N GLN A 236 -7.89 9.61 1.35
CA GLN A 236 -6.96 8.56 1.74
C GLN A 236 -7.10 7.32 0.88
N CYS A 237 -8.30 7.07 0.36
CA CYS A 237 -8.52 5.91 -0.49
C CYS A 237 -7.74 6.00 -1.80
N PHE A 238 -7.30 7.19 -2.19
CA PHE A 238 -6.55 7.40 -3.43
C PHE A 238 -5.04 7.41 -3.21
N ASN A 239 -4.55 6.63 -2.23
CA ASN A 239 -3.12 6.60 -1.97
C ASN A 239 -2.35 5.87 -3.07
N ASP A 240 -3.01 4.98 -3.80
CA ASP A 240 -2.34 4.17 -4.80
C ASP A 240 -2.26 4.84 -6.17
N VAL A 241 -2.87 6.01 -6.34
CA VAL A 241 -2.84 6.69 -7.64
C VAL A 241 -1.42 7.14 -7.95
N THR A 242 -1.04 7.05 -9.23
CA THR A 242 0.29 7.46 -9.63
C THR A 242 0.52 8.95 -9.36
N ALA A 243 -0.48 9.78 -9.65
CA ALA A 243 -0.39 11.21 -9.41
C ALA A 243 -1.77 11.75 -9.09
N ILE A 244 -1.80 12.89 -8.40
CA ILE A 244 -3.05 13.53 -8.02
C ILE A 244 -3.16 14.86 -8.76
N ILE A 245 -3.85 14.85 -9.90
CA ILE A 245 -4.01 16.08 -10.68
C ILE A 245 -4.79 17.08 -9.84
N PHE A 246 -4.25 18.29 -9.72
CA PHE A 246 -4.86 19.36 -8.94
C PHE A 246 -5.01 20.58 -9.83
N VAL A 247 -6.21 21.18 -9.82
CA VAL A 247 -6.51 22.36 -10.59
C VAL A 247 -6.82 23.49 -9.62
N VAL A 248 -6.11 24.61 -9.77
CA VAL A 248 -6.25 25.76 -8.89
C VAL A 248 -7.06 26.83 -9.61
N ALA A 249 -8.09 27.34 -8.95
CA ALA A 249 -8.94 28.39 -9.51
C ALA A 249 -8.26 29.74 -9.32
N SER A 250 -7.19 29.94 -10.09
CA SER A 250 -6.44 31.18 -10.03
C SER A 250 -7.28 32.34 -10.57
N SER A 251 -6.94 33.54 -10.14
CA SER A 251 -7.65 34.78 -10.50
C SER A 251 -9.02 34.87 -9.84
N SER A 252 -9.32 34.00 -8.89
CA SER A 252 -10.61 34.00 -8.20
C SER A 252 -10.60 34.87 -6.95
N TYR A 253 -9.46 35.46 -6.59
CA TYR A 253 -9.38 36.31 -5.41
C TYR A 253 -10.39 37.45 -5.48
N GLN A 262 -17.31 31.99 -0.97
CA GLN A 262 -15.98 32.49 -0.63
C GLN A 262 -15.60 33.66 -1.53
N THR A 263 -15.43 34.84 -0.93
CA THR A 263 -15.06 36.01 -1.71
C THR A 263 -13.69 35.83 -2.35
N ASN A 264 -12.73 35.28 -1.61
CA ASN A 264 -11.38 35.04 -2.09
C ASN A 264 -11.12 33.54 -2.00
N ARG A 265 -11.26 32.84 -3.13
CA ARG A 265 -11.05 31.40 -3.17
C ARG A 265 -9.58 31.02 -3.28
N LEU A 266 -8.69 31.95 -3.60
CA LEU A 266 -7.28 31.62 -3.73
C LEU A 266 -6.70 31.15 -2.40
N GLN A 267 -7.04 31.84 -1.31
CA GLN A 267 -6.55 31.42 0.01
C GLN A 267 -7.11 30.07 0.39
N ALA A 268 -8.38 29.81 0.08
CA ALA A 268 -8.97 28.51 0.37
C ALA A 268 -8.25 27.41 -0.40
N ALA A 269 -7.95 27.66 -1.68
CA ALA A 269 -7.21 26.67 -2.47
C ALA A 269 -5.82 26.45 -1.89
N LEU A 270 -5.16 27.52 -1.46
CA LEU A 270 -3.84 27.39 -0.86
C LEU A 270 -3.90 26.53 0.39
N LYS A 271 -4.90 26.78 1.25
CA LYS A 271 -5.02 26.00 2.47
C LYS A 271 -5.33 24.54 2.17
N LEU A 272 -6.19 24.29 1.17
CA LEU A 272 -6.50 22.92 0.80
C LEU A 272 -5.26 22.20 0.29
N PHE A 273 -4.46 22.87 -0.55
CA PHE A 273 -3.23 22.27 -1.03
C PHE A 273 -2.26 22.02 0.12
N ASP A 274 -2.19 22.95 1.08
CA ASP A 274 -1.32 22.77 2.23
C ASP A 274 -1.72 21.54 3.02
N SER A 275 -3.03 21.36 3.23
CA SER A 275 -3.52 20.18 3.93
C SER A 275 -3.19 18.91 3.16
N ILE A 276 -3.38 18.94 1.84
CA ILE A 276 -3.11 17.75 1.02
C ILE A 276 -1.64 17.38 1.10
N TRP A 277 -0.76 18.38 1.02
CA TRP A 277 0.68 18.12 1.03
C TRP A 277 1.09 17.45 2.35
N ASN A 278 0.57 17.94 3.47
CA ASN A 278 0.93 17.39 4.77
C ASN A 278 0.16 16.13 5.13
N ASN A 279 -0.80 15.71 4.31
CA ASN A 279 -1.54 14.49 4.58
C ASN A 279 -0.59 13.30 4.64
N LYS A 280 -0.73 12.49 5.68
CA LYS A 280 0.21 11.38 5.89
C LYS A 280 0.16 10.38 4.75
N TRP A 281 -1.04 10.01 4.31
CA TRP A 281 -1.18 8.97 3.29
C TRP A 281 -0.81 9.46 1.90
N LEU A 282 -0.84 10.76 1.66
CA LEU A 282 -0.55 11.32 0.34
C LEU A 282 0.90 11.73 0.18
N ARG A 283 1.76 11.45 1.16
CA ARG A 283 3.17 11.81 1.03
C ARG A 283 3.82 11.09 -0.13
N ASP A 284 3.53 9.79 -0.29
CA ASP A 284 4.13 9.01 -1.35
C ASP A 284 3.53 9.30 -2.72
N THR A 285 2.42 10.03 -2.78
CA THR A 285 1.74 10.33 -4.05
C THR A 285 2.10 11.75 -4.47
N SER A 286 2.72 11.87 -5.66
CA SER A 286 3.06 13.19 -6.18
C SER A 286 1.79 13.96 -6.51
N VAL A 287 1.80 15.26 -6.20
CA VAL A 287 0.67 16.14 -6.43
C VAL A 287 1.04 17.09 -7.57
N ILE A 288 0.17 17.19 -8.56
CA ILE A 288 0.38 18.05 -9.72
C ILE A 288 -0.63 19.19 -9.64
N LEU A 289 -0.14 20.43 -9.64
CA LEU A 289 -0.99 21.61 -9.57
C LEU A 289 -1.10 22.23 -10.95
N PHE A 290 -2.34 22.48 -11.37
CA PHE A 290 -2.64 23.05 -12.68
C PHE A 290 -3.32 24.40 -12.48
N LEU A 291 -2.77 25.44 -13.09
CA LEU A 291 -3.35 26.78 -13.07
C LEU A 291 -4.04 26.99 -14.41
N ASN A 292 -5.36 27.21 -14.38
CA ASN A 292 -6.18 27.19 -15.58
C ASN A 292 -6.90 28.52 -15.83
N LYS A 293 -6.40 29.62 -15.25
CA LYS A 293 -7.02 30.93 -15.42
C LYS A 293 -5.95 32.00 -15.63
N GLN A 294 -4.96 31.68 -16.46
CA GLN A 294 -3.88 32.63 -16.73
C GLN A 294 -4.43 33.85 -17.47
N ASP A 295 -5.25 33.63 -18.50
CA ASP A 295 -5.80 34.75 -19.25
C ASP A 295 -6.69 35.63 -18.37
N LEU A 296 -7.54 35.00 -17.55
CA LEU A 296 -8.41 35.76 -16.66
C LEU A 296 -7.59 36.59 -15.67
N LEU A 297 -6.53 36.00 -15.11
CA LEU A 297 -5.66 36.74 -14.21
C LEU A 297 -5.00 37.91 -14.92
N ALA A 298 -4.55 37.70 -16.16
CA ALA A 298 -3.90 38.76 -16.92
C ALA A 298 -4.88 39.92 -17.16
N GLU A 299 -6.10 39.60 -17.57
CA GLU A 299 -7.09 40.65 -17.79
C GLU A 299 -7.41 41.37 -16.47
N LYS A 300 -7.53 40.63 -15.37
CA LYS A 300 -7.87 41.26 -14.10
C LYS A 300 -6.77 42.22 -13.66
N VAL A 301 -5.51 41.79 -13.76
CA VAL A 301 -4.41 42.64 -13.30
C VAL A 301 -4.24 43.84 -14.24
N LEU A 302 -4.31 43.61 -15.55
CA LEU A 302 -4.12 44.71 -16.50
C LEU A 302 -5.23 45.75 -16.36
N ALA A 303 -6.46 45.31 -16.15
CA ALA A 303 -7.58 46.24 -16.03
C ALA A 303 -7.45 47.14 -14.81
N GLY A 304 -6.59 46.79 -13.85
CA GLY A 304 -6.42 47.58 -12.65
C GLY A 304 -7.41 47.30 -11.55
N LYS A 305 -8.34 46.36 -11.75
CA LYS A 305 -9.33 46.01 -10.74
C LYS A 305 -8.80 44.88 -9.87
N SER A 306 -9.12 44.93 -8.58
CA SER A 306 -8.74 43.90 -7.63
C SER A 306 -7.21 43.74 -7.59
N LYS A 307 -6.55 44.80 -7.14
CA LYS A 307 -5.09 44.78 -7.03
C LYS A 307 -4.66 43.63 -6.13
N ILE A 308 -3.69 42.84 -6.60
CA ILE A 308 -3.26 41.67 -5.85
C ILE A 308 -2.54 42.06 -4.58
N GLU A 309 -1.91 43.23 -4.56
CA GLU A 309 -1.08 43.60 -3.41
C GLU A 309 -1.90 43.67 -2.13
N ASP A 310 -3.10 44.24 -2.19
CA ASP A 310 -3.90 44.41 -0.98
C ASP A 310 -4.26 43.06 -0.36
N TYR A 311 -4.66 42.09 -1.19
CA TYR A 311 -4.98 40.77 -0.67
C TYR A 311 -3.74 40.10 -0.08
N PHE A 312 -2.60 40.20 -0.77
CA PHE A 312 -1.36 39.59 -0.32
C PHE A 312 -0.31 40.67 -0.10
N PRO A 313 -0.08 41.09 1.14
CA PRO A 313 0.94 42.13 1.37
C PRO A 313 2.34 41.71 0.95
N GLU A 314 2.63 40.41 0.89
CA GLU A 314 3.95 39.95 0.49
C GLU A 314 4.27 40.31 -0.95
N PHE A 315 3.25 40.57 -1.78
CA PHE A 315 3.50 40.95 -3.16
C PHE A 315 4.31 42.23 -3.26
N ALA A 316 4.21 43.10 -2.26
CA ALA A 316 4.98 44.34 -2.28
C ALA A 316 6.47 44.05 -2.21
N ARG A 317 7.24 44.79 -3.01
CA ARG A 317 8.70 44.65 -3.06
C ARG A 317 9.15 43.26 -3.48
N TYR A 318 8.26 42.49 -4.12
CA TYR A 318 8.60 41.15 -4.57
C TYR A 318 9.29 41.22 -5.92
N THR A 319 10.40 40.50 -6.06
CA THR A 319 11.18 40.48 -7.29
C THR A 319 10.92 39.19 -8.05
N THR A 320 10.81 39.30 -9.36
CA THR A 320 10.54 38.14 -10.19
C THR A 320 11.70 37.15 -10.08
N PRO A 321 11.44 35.86 -9.93
CA PRO A 321 12.55 34.89 -9.88
C PRO A 321 13.35 34.91 -11.16
N GLU A 322 14.66 34.70 -11.03
CA GLU A 322 15.54 34.72 -12.19
C GLU A 322 15.17 33.60 -13.17
N ASP A 323 14.85 32.42 -12.65
CA ASP A 323 14.50 31.30 -13.50
C ASP A 323 13.23 31.56 -14.30
N ALA A 324 12.41 32.52 -13.90
CA ALA A 324 11.18 32.82 -14.62
C ALA A 324 11.49 33.21 -16.05
N THR A 325 10.74 32.62 -16.99
CA THR A 325 10.91 32.87 -18.42
C THR A 325 9.59 33.40 -18.98
N PRO A 326 9.44 34.72 -19.09
CA PRO A 326 8.20 35.27 -19.66
C PRO A 326 7.94 34.75 -21.06
N GLU A 327 6.68 34.47 -21.36
CA GLU A 327 6.31 34.02 -22.69
C GLU A 327 6.37 35.19 -23.68
N PRO A 328 6.55 34.90 -24.96
CA PRO A 328 6.59 35.98 -25.95
C PRO A 328 5.27 36.74 -26.02
N GLY A 329 5.37 38.04 -26.26
CA GLY A 329 4.20 38.86 -26.50
C GLY A 329 3.25 38.98 -25.32
N GLU A 330 3.78 39.22 -24.12
CA GLU A 330 2.95 39.45 -22.95
C GLU A 330 3.66 40.41 -22.02
N ASP A 331 2.86 41.11 -21.21
CA ASP A 331 3.39 42.13 -20.31
C ASP A 331 4.10 41.49 -19.12
N PRO A 332 5.15 42.14 -18.61
CA PRO A 332 5.86 41.55 -17.45
C PRO A 332 5.02 41.41 -16.20
N ARG A 333 4.00 42.27 -16.02
CA ARG A 333 3.26 42.28 -14.76
C ARG A 333 2.49 40.98 -14.55
N VAL A 334 1.86 40.46 -15.60
CA VAL A 334 1.10 39.23 -15.46
C VAL A 334 2.03 38.07 -15.11
N THR A 335 3.21 38.02 -15.75
CA THR A 335 4.19 37.00 -15.41
C THR A 335 4.64 37.15 -13.97
N ARG A 336 4.88 38.38 -13.52
CA ARG A 336 5.29 38.59 -12.15
C ARG A 336 4.23 38.05 -11.18
N ALA A 337 2.96 38.36 -11.43
CA ALA A 337 1.90 37.91 -10.53
C ALA A 337 1.77 36.39 -10.53
N LYS A 338 1.76 35.79 -11.73
CA LYS A 338 1.57 34.34 -11.81
C LYS A 338 2.74 33.60 -11.18
N TYR A 339 3.97 34.07 -11.43
CA TYR A 339 5.12 33.45 -10.80
C TYR A 339 5.13 33.68 -9.30
N PHE A 340 4.59 34.82 -8.85
CA PHE A 340 4.49 35.06 -7.41
C PHE A 340 3.56 34.03 -6.76
N ILE A 341 2.41 33.77 -7.38
CA ILE A 341 1.49 32.80 -6.78
C ILE A 341 2.08 31.40 -6.88
N ARG A 342 2.78 31.10 -7.97
CA ARG A 342 3.44 29.80 -8.09
C ARG A 342 4.48 29.61 -6.99
N ASP A 343 5.27 30.66 -6.72
CA ASP A 343 6.25 30.59 -5.65
C ASP A 343 5.58 30.46 -4.29
N GLU A 344 4.44 31.13 -4.11
CA GLU A 344 3.70 31.00 -2.85
C GLU A 344 3.27 29.56 -2.63
N PHE A 345 2.77 28.91 -3.68
CA PHE A 345 2.42 27.50 -3.58
C PHE A 345 3.65 26.65 -3.27
N LEU A 346 4.73 26.87 -4.02
CA LEU A 346 5.94 26.07 -3.85
C LEU A 346 6.59 26.27 -2.50
N ARG A 347 6.31 27.39 -1.83
CA ARG A 347 6.91 27.64 -0.53
C ARG A 347 6.56 26.55 0.47
N ILE A 348 5.28 26.17 0.52
CA ILE A 348 4.88 25.04 1.36
C ILE A 348 5.10 23.73 0.61
N SER A 349 4.99 23.75 -0.72
CA SER A 349 5.23 22.53 -1.48
C SER A 349 6.64 22.00 -1.26
N THR A 350 7.60 22.89 -0.99
CA THR A 350 8.99 22.52 -0.80
C THR A 350 9.35 22.33 0.66
N ALA A 351 8.39 21.94 1.50
CA ALA A 351 8.63 21.72 2.93
C ALA A 351 8.04 20.39 3.34
N SER A 352 8.71 19.71 4.27
CA SER A 352 8.25 18.43 4.80
C SER A 352 8.00 17.43 3.68
N GLY A 353 8.91 17.38 2.71
CA GLY A 353 8.78 16.47 1.58
C GLY A 353 9.71 15.28 1.66
N ASP A 354 10.93 15.51 2.13
CA ASP A 354 11.97 14.50 2.28
C ASP A 354 12.52 14.06 0.93
N GLY A 355 11.97 14.56 -0.18
CA GLY A 355 12.44 14.23 -1.50
C GLY A 355 11.78 13.04 -2.15
N ARG A 356 10.90 12.33 -1.44
CA ARG A 356 10.22 11.18 -2.04
C ARG A 356 9.01 11.57 -2.88
N HIS A 357 8.60 12.83 -2.84
CA HIS A 357 7.52 13.30 -3.69
C HIS A 357 7.69 14.80 -3.90
N TYR A 358 7.36 15.26 -5.10
CA TYR A 358 7.55 16.65 -5.50
C TYR A 358 6.29 17.17 -6.15
N CYS A 359 6.25 18.49 -6.32
CA CYS A 359 5.15 19.18 -6.99
C CYS A 359 5.58 19.59 -8.39
N TYR A 360 4.63 19.59 -9.32
CA TYR A 360 4.89 19.88 -10.73
C TYR A 360 3.92 20.95 -11.20
N PRO A 361 4.18 22.21 -10.85
CA PRO A 361 3.28 23.29 -11.30
C PRO A 361 3.32 23.46 -12.81
N HIS A 362 2.18 23.84 -13.37
CA HIS A 362 2.07 24.10 -14.80
C HIS A 362 1.06 25.21 -15.05
N PHE A 363 1.22 25.91 -16.17
CA PHE A 363 0.32 26.96 -16.60
C PHE A 363 -0.44 26.46 -17.82
N THR A 364 -1.74 26.25 -17.67
CA THR A 364 -2.55 25.65 -18.71
C THR A 364 -3.84 26.45 -18.87
N CYS A 365 -4.64 26.07 -19.87
CA CYS A 365 -5.94 26.65 -20.11
C CYS A 365 -6.92 25.56 -20.51
N SER A 366 -8.21 25.82 -20.30
CA SER A 366 -9.22 24.82 -20.59
C SER A 366 -9.20 24.39 -22.04
N VAL A 367 -8.87 25.32 -22.95
CA VAL A 367 -8.82 25.01 -24.38
C VAL A 367 -7.49 24.41 -24.81
N ASP A 368 -6.49 24.40 -23.94
CA ASP A 368 -5.19 23.86 -24.31
C ASP A 368 -5.27 22.38 -24.59
N THR A 369 -4.63 21.95 -25.67
CA THR A 369 -4.62 20.55 -26.08
C THR A 369 -3.38 19.80 -25.61
N GLU A 370 -2.38 20.49 -25.08
CA GLU A 370 -1.17 19.84 -24.62
C GLU A 370 -1.25 19.39 -23.16
N ASN A 371 -2.43 19.52 -22.53
CA ASN A 371 -2.57 19.09 -21.14
C ASN A 371 -2.31 17.60 -20.99
N ILE A 372 -2.81 16.78 -21.92
CA ILE A 372 -2.66 15.33 -21.79
C ILE A 372 -1.20 14.94 -21.83
N ARG A 373 -0.42 15.54 -22.75
CA ARG A 373 1.00 15.27 -22.80
C ARG A 373 1.70 15.75 -21.53
N ARG A 374 1.23 16.85 -20.94
CA ARG A 374 1.83 17.32 -19.70
C ARG A 374 1.69 16.28 -18.60
N VAL A 375 0.48 15.74 -18.41
CA VAL A 375 0.27 14.76 -17.36
C VAL A 375 1.02 13.47 -17.67
N PHE A 376 1.09 13.10 -18.96
CA PHE A 376 1.86 11.92 -19.34
C PHE A 376 3.32 12.07 -18.93
N ASN A 377 3.93 13.21 -19.29
CA ASN A 377 5.32 13.44 -18.95
C ASN A 377 5.51 13.53 -17.44
N ASP A 378 4.56 14.13 -16.74
CA ASP A 378 4.66 14.22 -15.28
C ASP A 378 4.62 12.85 -14.64
N CYS A 379 3.75 11.96 -15.13
CA CYS A 379 3.71 10.60 -14.61
C CYS A 379 5.01 9.87 -14.89
N ARG A 380 5.56 10.03 -16.10
CA ARG A 380 6.83 9.39 -16.42
C ARG A 380 7.93 9.89 -15.49
N ASP A 381 7.96 11.21 -15.25
CA ASP A 381 8.97 11.78 -14.37
C ASP A 381 8.80 11.28 -12.94
N ILE A 382 7.55 11.15 -12.47
CA ILE A 382 7.33 10.66 -11.12
C ILE A 382 7.84 9.23 -10.98
N ILE A 383 7.53 8.39 -11.98
CA ILE A 383 7.99 7.00 -11.91
C ILE A 383 9.51 6.94 -11.96
N GLN A 384 10.13 7.76 -12.81
CA GLN A 384 11.59 7.76 -12.91
C GLN A 384 12.22 8.20 -11.59
N ARG A 385 11.65 9.24 -10.96
CA ARG A 385 12.18 9.71 -9.69
C ARG A 385 12.02 8.65 -8.61
N MET A 386 10.88 7.95 -8.59
CA MET A 386 10.69 6.89 -7.61
C MET A 386 11.71 5.78 -7.81
N HIS A 387 11.95 5.39 -9.07
CA HIS A 387 12.95 4.35 -9.33
C HIS A 387 14.34 4.81 -8.93
N LEU A 388 14.68 6.07 -9.22
CA LEU A 388 15.99 6.59 -8.84
C LEU A 388 16.16 6.58 -7.33
N ARG A 389 15.14 6.99 -6.59
CA ARG A 389 15.20 6.94 -5.13
C ARG A 389 15.35 5.52 -4.63
N GLN A 390 14.63 4.58 -5.24
CA GLN A 390 14.76 3.18 -4.85
C GLN A 390 16.17 2.67 -5.13
N TYR A 391 16.83 3.17 -6.17
CA TYR A 391 18.20 2.80 -6.49
C TYR A 391 19.23 3.58 -5.69
N GLU A 392 18.80 4.51 -4.84
CA GLU A 392 19.67 5.30 -3.98
C GLU A 392 20.49 6.34 -4.75
N LEU A 393 20.12 6.64 -5.99
CA LEU A 393 20.82 7.65 -6.77
C LEU A 393 20.33 9.06 -6.49
N LEU A 394 19.30 9.22 -5.66
CA LEU A 394 18.82 10.54 -5.27
C LEU A 394 18.64 10.61 -3.74
N LEU B 4 -36.14 33.04 18.25
CA LEU B 4 -35.29 31.93 17.75
C LEU B 4 -34.23 31.56 18.80
N ASP B 5 -33.71 32.57 19.50
CA ASP B 5 -32.72 32.31 20.53
C ASP B 5 -33.29 31.46 21.65
N GLN B 6 -34.61 31.50 21.84
CA GLN B 6 -35.23 30.66 22.86
C GLN B 6 -35.01 29.18 22.56
N LEU B 7 -35.09 28.80 21.28
CA LEU B 7 -34.85 27.42 20.90
C LEU B 7 -33.41 27.01 21.22
N ARG B 8 -32.44 27.89 20.94
CA ARG B 8 -31.06 27.58 21.26
C ARG B 8 -30.87 27.44 22.77
N GLN B 9 -31.49 28.33 23.55
CA GLN B 9 -31.39 28.22 25.00
C GLN B 9 -31.99 26.92 25.50
N GLU B 10 -33.14 26.53 24.96
CA GLU B 10 -33.77 25.27 25.37
C GLU B 10 -32.88 24.09 25.01
N ALA B 11 -32.27 24.11 23.82
CA ALA B 11 -31.37 23.04 23.43
C ALA B 11 -30.17 22.96 24.36
N GLU B 12 -29.61 24.11 24.74
CA GLU B 12 -28.48 24.12 25.67
C GLU B 12 -28.88 23.56 27.02
N GLN B 13 -30.07 23.94 27.52
CA GLN B 13 -30.54 23.41 28.79
C GLN B 13 -30.75 21.91 28.71
N LEU B 14 -31.30 21.42 27.59
CA LEU B 14 -31.49 19.99 27.42
C LEU B 14 -30.15 19.26 27.40
N LYS B 15 -29.16 19.83 26.73
CA LYS B 15 -27.83 19.22 26.71
C LYS B 15 -27.24 19.19 28.11
N ASN B 16 -27.41 20.26 28.87
CA ASN B 16 -26.92 20.28 30.24
C ASN B 16 -27.62 19.21 31.09
N GLN B 17 -28.93 19.06 30.90
CA GLN B 17 -29.67 18.03 31.63
C GLN B 17 -29.17 16.64 31.26
N ILE B 18 -28.88 16.41 29.98
CA ILE B 18 -28.36 15.12 29.55
C ILE B 18 -27.00 14.87 30.21
N ARG B 19 -26.14 15.90 30.23
CA ARG B 19 -24.83 15.75 30.86
C ARG B 19 -24.98 15.42 32.34
N ASP B 20 -25.89 16.12 33.03
CA ASP B 20 -26.09 15.84 34.45
C ASP B 20 -26.60 14.44 34.68
N ALA B 21 -27.54 13.98 33.84
CA ALA B 21 -28.05 12.62 33.97
C ALA B 21 -26.95 11.58 33.74
N ARG B 22 -26.11 11.81 32.73
CA ARG B 22 -25.00 10.90 32.48
C ARG B 22 -24.03 10.87 33.64
N LYS B 23 -23.73 12.04 34.22
CA LYS B 23 -22.85 12.09 35.37
C LYS B 23 -23.45 11.34 36.56
N ALA B 24 -24.75 11.53 36.80
CA ALA B 24 -25.40 10.82 37.90
C ALA B 24 -25.36 9.32 37.69
N CYS B 25 -25.62 8.86 36.46
CA CYS B 25 -25.56 7.44 36.15
C CYS B 25 -24.13 6.90 36.15
N ALA B 26 -23.13 7.77 36.16
CA ALA B 26 -21.73 7.35 36.14
C ALA B 26 -21.27 7.05 37.58
N ASP B 27 -21.83 5.97 38.13
CA ASP B 27 -21.49 5.54 39.48
C ASP B 27 -20.17 4.79 39.55
N ALA B 28 -19.62 4.38 38.42
CA ALA B 28 -18.36 3.64 38.38
C ALA B 28 -17.86 3.67 36.94
N THR B 29 -16.79 2.92 36.67
CA THR B 29 -16.22 2.83 35.34
C THR B 29 -15.78 1.40 35.08
N LEU B 30 -15.68 1.05 33.80
CA LEU B 30 -15.27 -0.31 33.44
C LEU B 30 -13.86 -0.61 33.93
N SER B 31 -12.95 0.37 33.81
CA SER B 31 -11.58 0.15 34.28
C SER B 31 -11.56 -0.14 35.77
N GLN B 32 -12.32 0.62 36.56
CA GLN B 32 -12.37 0.40 38.00
C GLN B 32 -12.94 -0.98 38.32
N ILE B 33 -14.00 -1.38 37.61
CA ILE B 33 -14.62 -2.67 37.88
C ILE B 33 -13.66 -3.81 37.54
N THR B 34 -12.92 -3.69 36.46
CA THR B 34 -12.01 -4.73 35.98
C THR B 34 -10.66 -4.69 36.69
N ASN B 35 -10.56 -4.03 37.84
CA ASN B 35 -9.28 -3.95 38.55
C ASN B 35 -8.84 -5.30 39.09
N ASN B 36 -9.75 -6.28 39.21
CA ASN B 36 -9.42 -7.58 39.77
C ASN B 36 -9.94 -8.72 38.91
N ILE B 37 -10.15 -8.49 37.62
CA ILE B 37 -10.60 -9.54 36.71
C ILE B 37 -9.37 -10.29 36.18
N ASP B 38 -9.60 -11.51 35.73
CA ASP B 38 -8.50 -12.37 35.29
C ASP B 38 -7.84 -11.75 34.06
N PRO B 39 -6.54 -11.46 34.09
CA PRO B 39 -5.87 -10.95 32.89
C PRO B 39 -5.83 -11.98 31.77
N VAL B 40 -5.88 -11.49 30.54
CA VAL B 40 -5.76 -12.38 29.39
C VAL B 40 -4.35 -12.94 29.29
N GLY B 41 -3.34 -12.13 29.59
CA GLY B 41 -1.96 -12.56 29.52
C GLY B 41 -1.28 -12.13 28.24
N ARG B 42 -1.07 -13.08 27.32
CA ARG B 42 -0.42 -12.78 26.05
C ARG B 42 -0.88 -13.82 25.04
N ILE B 43 -1.44 -13.35 23.92
CA ILE B 43 -1.97 -14.23 22.88
C ILE B 43 -0.96 -14.25 21.74
N GLN B 44 -0.37 -15.41 21.49
CA GLN B 44 0.67 -15.57 20.48
C GLN B 44 0.09 -16.08 19.16
N MET B 45 -0.87 -15.32 18.62
CA MET B 45 -1.45 -15.66 17.34
C MET B 45 -0.47 -15.37 16.20
N ARG B 46 -0.38 -16.29 15.24
CA ARG B 46 0.50 -16.16 14.10
C ARG B 46 -0.28 -16.46 12.83
N THR B 47 0.11 -15.81 11.73
CA THR B 47 -0.57 -16.01 10.46
C THR B 47 -0.51 -17.48 10.07
N ARG B 48 -1.64 -18.01 9.59
CA ARG B 48 -1.75 -19.40 9.19
C ARG B 48 -2.21 -19.60 7.76
N ARG B 49 -2.72 -18.56 7.10
CA ARG B 49 -3.19 -18.69 5.71
C ARG B 49 -3.14 -17.32 5.07
N THR B 50 -2.22 -17.13 4.12
CA THR B 50 -2.11 -15.89 3.37
C THR B 50 -2.80 -16.10 2.03
N LEU B 51 -4.03 -15.58 1.92
CA LEU B 51 -4.80 -15.77 0.69
C LEU B 51 -4.13 -15.10 -0.49
N ARG B 52 -3.52 -13.93 -0.27
CA ARG B 52 -2.91 -13.14 -1.33
C ARG B 52 -3.82 -13.12 -2.55
N GLY B 53 -3.26 -13.16 -3.75
CA GLY B 53 -4.06 -13.22 -4.95
C GLY B 53 -4.63 -11.88 -5.37
N HIS B 54 -5.17 -11.13 -4.41
CA HIS B 54 -5.74 -9.82 -4.71
C HIS B 54 -4.71 -8.93 -5.37
N LEU B 55 -5.14 -8.20 -6.40
CA LEU B 55 -4.22 -7.43 -7.24
C LEU B 55 -3.98 -6.01 -6.73
N ALA B 56 -4.69 -5.58 -5.68
CA ALA B 56 -4.55 -4.22 -5.17
C ALA B 56 -4.87 -4.22 -3.69
N LYS B 57 -4.77 -3.05 -3.07
CA LYS B 57 -5.04 -2.90 -1.65
C LYS B 57 -6.48 -3.29 -1.34
N ILE B 58 -6.65 -4.12 -0.33
CA ILE B 58 -7.99 -4.51 0.12
C ILE B 58 -8.57 -3.40 0.99
N TYR B 59 -9.90 -3.29 0.99
CA TYR B 59 -10.58 -2.29 1.78
C TYR B 59 -11.76 -2.81 2.58
N ALA B 60 -12.21 -4.04 2.34
CA ALA B 60 -13.31 -4.61 3.09
C ALA B 60 -13.37 -6.10 2.84
N MET B 61 -14.09 -6.81 3.71
CA MET B 61 -14.29 -8.24 3.57
C MET B 61 -15.31 -8.70 4.60
N HIS B 62 -16.01 -9.78 4.27
CA HIS B 62 -17.03 -10.34 5.14
C HIS B 62 -17.28 -11.77 4.73
N TRP B 63 -17.55 -12.64 5.71
CA TRP B 63 -17.75 -14.05 5.45
C TRP B 63 -19.24 -14.39 5.49
N GLY B 64 -19.55 -15.68 5.33
CA GLY B 64 -20.91 -16.16 5.34
C GLY B 64 -21.31 -16.69 6.70
N THR B 65 -22.53 -17.25 6.73
CA THR B 65 -23.06 -17.80 7.98
C THR B 65 -22.41 -19.12 8.36
N ASP B 66 -21.94 -19.89 7.38
CA ASP B 66 -21.34 -21.20 7.65
C ASP B 66 -19.90 -21.12 8.12
N SER B 67 -19.30 -19.93 8.11
CA SER B 67 -17.93 -19.71 8.58
C SER B 67 -16.91 -20.49 7.76
N ARG B 68 -17.26 -20.88 6.53
CA ARG B 68 -16.35 -21.60 5.66
C ARG B 68 -15.93 -20.76 4.46
N LEU B 69 -16.89 -20.24 3.69
CA LEU B 69 -16.59 -19.40 2.55
C LEU B 69 -16.56 -17.94 2.99
N LEU B 70 -15.56 -17.21 2.49
CA LEU B 70 -15.36 -15.81 2.84
C LEU B 70 -15.34 -14.96 1.57
N VAL B 71 -15.97 -13.80 1.64
CA VAL B 71 -16.04 -12.86 0.52
C VAL B 71 -15.13 -11.69 0.84
N SER B 72 -14.20 -11.40 -0.06
CA SER B 72 -13.25 -10.30 0.10
C SER B 72 -13.40 -9.34 -1.08
N ALA B 73 -13.45 -8.05 -0.78
CA ALA B 73 -13.57 -7.01 -1.79
C ALA B 73 -12.32 -6.15 -1.78
N SER B 74 -11.76 -5.92 -2.96
CA SER B 74 -10.56 -5.10 -3.11
C SER B 74 -10.84 -3.98 -4.12
N GLN B 75 -10.06 -2.92 -4.02
CA GLN B 75 -10.25 -1.74 -4.86
C GLN B 75 -9.77 -1.95 -6.30
N ASP B 76 -9.40 -3.18 -6.68
CA ASP B 76 -9.07 -3.48 -8.06
C ASP B 76 -10.27 -3.96 -8.86
N GLY B 77 -11.46 -4.01 -8.25
CA GLY B 77 -12.65 -4.46 -8.94
C GLY B 77 -12.95 -5.93 -8.82
N LYS B 78 -12.32 -6.63 -7.88
CA LYS B 78 -12.51 -8.06 -7.71
C LYS B 78 -13.22 -8.35 -6.39
N LEU B 79 -14.10 -9.34 -6.42
CA LEU B 79 -14.85 -9.80 -5.24
C LEU B 79 -14.65 -11.31 -5.08
N ILE B 80 -13.38 -11.74 -5.13
CA ILE B 80 -13.09 -13.16 -5.14
C ILE B 80 -13.58 -13.80 -3.85
N ILE B 81 -14.29 -14.91 -3.98
CA ILE B 81 -14.79 -15.67 -2.84
C ILE B 81 -13.83 -16.83 -2.60
N TRP B 82 -13.29 -16.91 -1.39
CA TRP B 82 -12.27 -17.89 -1.04
C TRP B 82 -12.84 -18.95 -0.12
N ASP B 83 -12.36 -20.19 -0.27
CA ASP B 83 -12.67 -21.28 0.64
C ASP B 83 -11.53 -21.35 1.66
N SER B 84 -11.78 -20.87 2.87
CA SER B 84 -10.71 -20.75 3.85
C SER B 84 -10.11 -22.11 4.20
N TYR B 85 -10.95 -23.15 4.30
CA TYR B 85 -10.46 -24.45 4.72
C TYR B 85 -9.40 -24.98 3.76
N THR B 86 -9.62 -24.85 2.46
CA THR B 86 -8.71 -25.37 1.45
C THR B 86 -8.04 -24.28 0.63
N THR B 87 -8.34 -23.00 0.88
CA THR B 87 -7.79 -21.84 0.19
C THR B 87 -8.29 -21.75 -1.26
N ASN B 88 -9.04 -22.75 -1.73
CA ASN B 88 -9.47 -22.76 -3.13
C ASN B 88 -10.47 -21.63 -3.38
N LYS B 89 -10.25 -20.88 -4.45
CA LYS B 89 -11.18 -19.84 -4.85
C LYS B 89 -12.46 -20.45 -5.39
N VAL B 90 -13.59 -19.80 -5.13
CA VAL B 90 -14.88 -20.27 -5.61
C VAL B 90 -15.45 -19.39 -6.71
N HIS B 91 -15.20 -18.08 -6.67
CA HIS B 91 -15.71 -17.18 -7.69
C HIS B 91 -14.74 -16.01 -7.86
N ALA B 92 -14.85 -15.34 -9.00
CA ALA B 92 -14.04 -14.17 -9.32
C ALA B 92 -14.94 -13.04 -9.80
N ILE B 93 -16.00 -12.77 -9.06
CA ILE B 93 -17.03 -11.80 -9.43
C ILE B 93 -16.36 -10.46 -9.77
N PRO B 94 -16.39 -10.03 -11.02
CA PRO B 94 -15.90 -8.68 -11.34
C PRO B 94 -16.88 -7.61 -10.88
N LEU B 95 -16.36 -6.41 -10.70
CA LEU B 95 -17.13 -5.27 -10.23
C LEU B 95 -17.10 -4.16 -11.27
N ARG B 96 -18.26 -3.52 -11.48
CA ARG B 96 -18.34 -2.42 -12.43
C ARG B 96 -17.44 -1.27 -12.01
N SER B 97 -17.42 -0.94 -10.72
CA SER B 97 -16.60 0.13 -10.18
C SER B 97 -15.38 -0.47 -9.49
N SER B 98 -14.19 -0.03 -9.91
CA SER B 98 -12.97 -0.57 -9.32
C SER B 98 -12.88 -0.27 -7.83
N TRP B 99 -13.24 0.95 -7.44
CA TRP B 99 -13.13 1.37 -6.04
C TRP B 99 -14.33 0.82 -5.26
N VAL B 100 -14.08 -0.18 -4.43
CA VAL B 100 -15.09 -0.78 -3.57
C VAL B 100 -14.65 -0.60 -2.12
N MET B 101 -15.52 0.00 -1.31
CA MET B 101 -15.22 0.26 0.09
C MET B 101 -15.98 -0.66 1.03
N THR B 102 -16.83 -1.54 0.52
CA THR B 102 -17.58 -2.44 1.38
C THR B 102 -18.06 -3.63 0.57
N CYS B 103 -18.44 -4.69 1.30
CA CYS B 103 -19.02 -5.87 0.69
C CYS B 103 -19.78 -6.63 1.77
N ALA B 104 -20.66 -7.52 1.34
CA ALA B 104 -21.48 -8.27 2.27
C ALA B 104 -21.78 -9.64 1.68
N TYR B 105 -22.10 -10.59 2.56
CA TYR B 105 -22.50 -11.93 2.18
C TYR B 105 -23.81 -12.25 2.87
N ALA B 106 -24.85 -12.52 2.09
CA ALA B 106 -26.18 -12.67 2.65
C ALA B 106 -26.22 -13.89 3.58
N PRO B 107 -27.08 -13.87 4.60
CA PRO B 107 -27.18 -15.04 5.48
C PRO B 107 -27.53 -16.33 4.75
N SER B 108 -28.33 -16.23 3.68
CA SER B 108 -28.69 -17.42 2.92
C SER B 108 -27.47 -18.10 2.31
N GLY B 109 -26.35 -17.39 2.17
CA GLY B 109 -25.13 -17.97 1.65
C GLY B 109 -25.04 -18.04 0.15
N ASN B 110 -25.90 -17.31 -0.58
CA ASN B 110 -25.87 -17.33 -2.03
C ASN B 110 -25.97 -15.94 -2.66
N TYR B 111 -26.27 -14.90 -1.89
CA TYR B 111 -26.36 -13.53 -2.41
C TYR B 111 -25.24 -12.69 -1.80
N VAL B 112 -24.62 -11.86 -2.63
CA VAL B 112 -23.58 -10.94 -2.19
C VAL B 112 -23.86 -9.56 -2.76
N ALA B 113 -23.31 -8.55 -2.10
CA ALA B 113 -23.49 -7.17 -2.51
C ALA B 113 -22.27 -6.36 -2.09
N CYS B 114 -22.08 -5.22 -2.76
CA CYS B 114 -20.95 -4.36 -2.47
C CYS B 114 -21.25 -2.96 -2.99
N GLY B 115 -20.47 -2.00 -2.51
CA GLY B 115 -20.62 -0.61 -2.93
C GLY B 115 -19.43 0.20 -2.52
N GLY B 116 -19.38 1.44 -3.02
CA GLY B 116 -18.28 2.33 -2.73
C GLY B 116 -18.51 3.73 -3.26
N LEU B 117 -17.48 4.32 -3.85
CA LEU B 117 -17.60 5.66 -4.41
C LEU B 117 -18.54 5.71 -5.62
N ASP B 118 -18.94 4.56 -6.15
CA ASP B 118 -19.87 4.54 -7.28
C ASP B 118 -21.27 4.98 -6.89
N ASN B 119 -21.57 5.11 -5.60
CA ASN B 119 -22.86 5.54 -5.09
C ASN B 119 -23.97 4.53 -5.35
N ILE B 120 -23.63 3.32 -5.78
CA ILE B 120 -24.61 2.29 -6.09
C ILE B 120 -24.24 1.03 -5.33
N CYS B 121 -25.24 0.43 -4.66
CA CYS B 121 -25.04 -0.80 -3.90
C CYS B 121 -25.43 -1.97 -4.81
N SER B 122 -24.47 -2.44 -5.59
CA SER B 122 -24.73 -3.55 -6.52
C SER B 122 -25.05 -4.82 -5.74
N ILE B 123 -25.93 -5.63 -6.34
CA ILE B 123 -26.36 -6.90 -5.75
C ILE B 123 -26.05 -8.01 -6.74
N TYR B 124 -25.46 -9.09 -6.25
CA TYR B 124 -25.14 -10.26 -7.05
C TYR B 124 -25.69 -11.50 -6.37
N ASN B 125 -26.11 -12.47 -7.17
CA ASN B 125 -26.61 -13.76 -6.69
C ASN B 125 -25.71 -14.87 -7.23
N LEU B 126 -25.20 -15.71 -6.32
CA LEU B 126 -24.31 -16.78 -6.74
C LEU B 126 -25.07 -17.92 -7.40
N LYS B 127 -26.32 -18.16 -7.01
CA LYS B 127 -27.11 -19.26 -7.55
C LYS B 127 -27.76 -18.81 -8.84
N THR B 128 -27.39 -19.43 -9.96
CA THR B 128 -27.96 -19.11 -11.26
C THR B 128 -28.09 -20.39 -12.06
N ARG B 129 -28.94 -20.33 -13.10
CA ARG B 129 -29.16 -21.50 -13.95
C ARG B 129 -27.88 -21.96 -14.62
N GLU B 130 -26.97 -21.03 -14.92
CA GLU B 130 -25.72 -21.34 -15.60
C GLU B 130 -24.59 -21.69 -14.65
N GLY B 131 -24.86 -21.75 -13.35
CA GLY B 131 -23.81 -22.03 -12.38
C GLY B 131 -22.76 -20.93 -12.29
N ASN B 132 -23.18 -19.68 -12.37
CA ASN B 132 -22.27 -18.54 -12.31
C ASN B 132 -22.96 -17.44 -11.49
N VAL B 133 -22.39 -16.25 -11.53
CA VAL B 133 -22.91 -15.10 -10.81
C VAL B 133 -23.31 -14.03 -11.81
N ARG B 134 -24.53 -13.49 -11.64
CA ARG B 134 -25.06 -12.44 -12.50
C ARG B 134 -25.65 -11.35 -11.64
N VAL B 135 -25.64 -10.12 -12.17
CA VAL B 135 -26.20 -8.99 -11.44
C VAL B 135 -27.69 -9.20 -11.25
N SER B 136 -28.15 -9.08 -10.01
CA SER B 136 -29.56 -9.25 -9.67
C SER B 136 -30.32 -7.93 -9.61
N ARG B 137 -29.71 -6.89 -9.05
CA ARG B 137 -30.37 -5.60 -8.93
C ARG B 137 -29.34 -4.57 -8.48
N GLU B 138 -29.48 -3.35 -8.98
CA GLU B 138 -28.62 -2.24 -8.63
C GLU B 138 -29.43 -1.18 -7.89
N LEU B 139 -28.98 -0.81 -6.71
CA LEU B 139 -29.65 0.19 -5.89
C LEU B 139 -28.91 1.52 -6.01
N ALA B 140 -29.64 2.57 -6.41
CA ALA B 140 -29.08 3.88 -6.61
C ALA B 140 -29.92 4.91 -5.87
N GLY B 141 -29.50 6.18 -5.95
CA GLY B 141 -30.21 7.26 -5.30
C GLY B 141 -29.80 7.46 -3.86
N HIS B 142 -28.50 7.66 -3.62
CA HIS B 142 -27.97 7.88 -2.29
C HIS B 142 -27.22 9.20 -2.14
N THR B 143 -26.60 9.70 -3.21
CA THR B 143 -25.87 10.97 -3.16
C THR B 143 -24.79 10.95 -2.09
N GLY B 144 -24.08 9.81 -1.99
CA GLY B 144 -23.00 9.69 -1.03
C GLY B 144 -22.33 8.33 -1.09
N TYR B 145 -21.00 8.31 -1.05
CA TYR B 145 -20.27 7.05 -1.14
C TYR B 145 -20.67 6.12 -0.01
N LEU B 146 -20.89 4.86 -0.35
CA LEU B 146 -21.29 3.87 0.64
C LEU B 146 -20.08 3.47 1.49
N SER B 147 -20.16 3.77 2.79
CA SER B 147 -19.06 3.45 3.70
C SER B 147 -19.12 2.03 4.22
N CYS B 148 -20.32 1.46 4.37
CA CYS B 148 -20.45 0.10 4.86
C CYS B 148 -21.89 -0.35 4.64
N CYS B 149 -22.06 -1.63 4.35
CA CYS B 149 -23.38 -2.21 4.08
C CYS B 149 -23.48 -3.55 4.79
N ARG B 150 -24.72 -3.96 5.05
CA ARG B 150 -25.01 -5.22 5.70
C ARG B 150 -26.28 -5.81 5.11
N PHE B 151 -26.43 -7.12 5.26
CA PHE B 151 -27.58 -7.86 4.73
C PHE B 151 -28.52 -8.22 5.88
N LEU B 152 -29.75 -7.71 5.81
CA LEU B 152 -30.76 -8.11 6.78
C LEU B 152 -31.23 -9.53 6.51
N ASP B 153 -31.50 -9.85 5.25
CA ASP B 153 -31.93 -11.19 4.84
C ASP B 153 -31.62 -11.34 3.36
N ASP B 154 -32.17 -12.39 2.74
CA ASP B 154 -31.95 -12.61 1.31
C ASP B 154 -32.66 -11.58 0.44
N ASN B 155 -33.57 -10.78 1.00
CA ASN B 155 -34.35 -9.83 0.22
C ASN B 155 -34.21 -8.39 0.70
N GLN B 156 -33.42 -8.13 1.74
CA GLN B 156 -33.27 -6.78 2.28
C GLN B 156 -31.80 -6.47 2.49
N ILE B 157 -31.43 -5.22 2.23
CA ILE B 157 -30.07 -4.74 2.46
C ILE B 157 -30.16 -3.33 3.04
N VAL B 158 -29.29 -3.04 4.01
CA VAL B 158 -29.20 -1.74 4.66
C VAL B 158 -27.82 -1.18 4.40
N THR B 159 -27.76 0.08 3.99
CA THR B 159 -26.51 0.73 3.61
C THR B 159 -26.38 2.07 4.30
N SER B 160 -25.13 2.49 4.53
CA SER B 160 -24.83 3.80 5.10
C SER B 160 -23.89 4.52 4.15
N SER B 161 -24.24 5.76 3.80
CA SER B 161 -23.48 6.56 2.85
C SER B 161 -22.72 7.66 3.58
N GLY B 162 -21.94 8.41 2.80
CA GLY B 162 -21.18 9.53 3.32
C GLY B 162 -21.94 10.82 3.46
N ASP B 163 -23.22 10.85 3.07
CA ASP B 163 -24.04 12.04 3.20
C ASP B 163 -24.68 12.17 4.58
N THR B 164 -24.16 11.46 5.58
CA THR B 164 -24.68 11.52 6.95
C THR B 164 -26.08 10.92 7.05
N THR B 165 -26.41 9.97 6.19
CA THR B 165 -27.71 9.33 6.21
C THR B 165 -27.55 7.83 5.97
N CYS B 166 -28.36 7.04 6.66
CA CYS B 166 -28.43 5.60 6.46
C CYS B 166 -29.80 5.25 5.88
N ALA B 167 -29.82 4.31 4.94
CA ALA B 167 -31.03 3.95 4.24
C ALA B 167 -31.22 2.44 4.23
N LEU B 168 -32.48 2.02 4.27
CA LEU B 168 -32.86 0.62 4.18
C LEU B 168 -33.53 0.37 2.84
N TRP B 169 -33.08 -0.67 2.13
CA TRP B 169 -33.58 -0.98 0.80
C TRP B 169 -34.21 -2.37 0.79
N ASP B 170 -35.16 -2.56 -0.11
CA ASP B 170 -35.81 -3.85 -0.33
C ASP B 170 -35.38 -4.39 -1.69
N ILE B 171 -34.85 -5.62 -1.69
CA ILE B 171 -34.33 -6.19 -2.93
C ILE B 171 -35.44 -6.42 -3.94
N GLU B 172 -36.63 -6.79 -3.47
CA GLU B 172 -37.72 -7.12 -4.39
C GLU B 172 -37.99 -5.99 -5.37
N THR B 173 -38.41 -4.83 -4.86
CA THR B 173 -38.71 -3.68 -5.69
C THR B 173 -37.54 -2.71 -5.82
N GLY B 174 -36.47 -2.91 -5.07
CA GLY B 174 -35.33 -2.00 -5.14
C GLY B 174 -35.68 -0.58 -4.77
N GLN B 175 -36.46 -0.42 -3.69
CA GLN B 175 -36.90 0.90 -3.25
C GLN B 175 -36.41 1.18 -1.84
N GLN B 176 -36.21 2.46 -1.55
CA GLN B 176 -35.76 2.90 -0.23
C GLN B 176 -36.96 2.89 0.72
N THR B 177 -37.20 1.74 1.34
CA THR B 177 -38.36 1.59 2.20
C THR B 177 -38.29 2.55 3.39
N THR B 178 -37.12 2.67 4.00
CA THR B 178 -36.93 3.56 5.16
C THR B 178 -35.62 4.32 5.00
N THR B 179 -35.63 5.58 5.43
CA THR B 179 -34.45 6.43 5.38
C THR B 179 -34.15 6.97 6.77
N PHE B 180 -32.87 7.00 7.13
CA PHE B 180 -32.43 7.50 8.43
C PHE B 180 -31.59 8.76 8.24
N THR B 181 -31.77 9.72 9.14
CA THR B 181 -31.04 10.98 9.07
C THR B 181 -30.94 11.57 10.46
N GLY B 182 -30.01 12.50 10.63
CA GLY B 182 -29.80 13.16 11.90
C GLY B 182 -28.34 13.43 12.20
N HIS B 183 -27.45 12.76 11.46
CA HIS B 183 -26.02 12.95 11.66
C HIS B 183 -25.54 14.21 10.96
N THR B 184 -24.39 14.73 11.42
CA THR B 184 -23.75 15.88 10.81
C THR B 184 -22.50 15.53 10.03
N GLY B 185 -21.84 14.42 10.34
CA GLY B 185 -20.67 13.98 9.64
C GLY B 185 -20.92 12.69 8.86
N ASP B 186 -19.90 12.29 8.10
CA ASP B 186 -20.02 11.10 7.28
C ASP B 186 -20.16 9.86 8.15
N VAL B 187 -21.05 8.96 7.75
CA VAL B 187 -21.29 7.71 8.48
C VAL B 187 -20.25 6.70 7.99
N MET B 188 -19.26 6.42 8.83
CA MET B 188 -18.14 5.56 8.42
C MET B 188 -18.54 4.10 8.34
N SER B 189 -19.32 3.60 9.31
CA SER B 189 -19.64 2.19 9.35
C SER B 189 -20.87 1.97 10.20
N LEU B 190 -21.46 0.78 10.07
CA LEU B 190 -22.58 0.35 10.90
C LEU B 190 -22.44 -1.14 11.14
N SER B 191 -23.10 -1.61 12.20
CA SER B 191 -23.06 -3.03 12.57
C SER B 191 -24.45 -3.45 12.99
N LEU B 192 -24.99 -4.47 12.32
CA LEU B 192 -26.31 -4.97 12.64
C LEU B 192 -26.29 -5.74 13.95
N ALA B 193 -27.35 -5.56 14.75
CA ALA B 193 -27.45 -6.28 16.01
C ALA B 193 -27.76 -7.75 15.76
N PRO B 194 -27.48 -8.61 16.75
CA PRO B 194 -27.79 -10.04 16.55
C PRO B 194 -29.25 -10.31 16.25
N ASP B 195 -30.17 -9.51 16.81
CA ASP B 195 -31.58 -9.67 16.54
C ASP B 195 -32.02 -9.01 15.24
N THR B 196 -31.14 -8.26 14.58
CA THR B 196 -31.41 -7.57 13.32
C THR B 196 -32.41 -6.43 13.48
N ARG B 197 -32.74 -6.05 14.71
CA ARG B 197 -33.68 -4.97 14.96
C ARG B 197 -32.97 -3.64 15.14
N LEU B 198 -31.89 -3.62 15.91
CA LEU B 198 -31.13 -2.41 16.19
C LEU B 198 -29.81 -2.43 15.42
N PHE B 199 -29.31 -1.23 15.12
CA PHE B 199 -28.02 -1.09 14.46
C PHE B 199 -27.50 0.31 14.70
N VAL B 200 -26.21 0.42 15.01
CA VAL B 200 -25.59 1.69 15.32
C VAL B 200 -24.76 2.14 14.14
N SER B 201 -24.35 3.41 14.15
CA SER B 201 -23.54 3.98 13.08
C SER B 201 -22.63 5.04 13.66
N GLY B 202 -21.36 5.01 13.24
CA GLY B 202 -20.38 5.96 13.73
C GLY B 202 -20.12 7.09 12.75
N ALA B 203 -20.65 8.27 13.04
CA ALA B 203 -20.50 9.41 12.14
C ALA B 203 -19.07 9.94 12.21
N CYS B 204 -18.71 10.70 11.17
CA CYS B 204 -17.38 11.30 11.10
C CYS B 204 -17.20 12.42 12.12
N ASP B 205 -18.29 12.95 12.66
CA ASP B 205 -18.23 14.05 13.62
C ASP B 205 -18.14 13.56 15.06
N ALA B 206 -17.66 12.34 15.29
CA ALA B 206 -17.47 11.75 16.61
C ALA B 206 -18.78 11.35 17.27
N SER B 207 -19.91 11.49 16.60
CA SER B 207 -21.22 11.19 17.19
C SER B 207 -21.69 9.84 16.68
N ALA B 208 -21.98 8.94 17.61
CA ALA B 208 -22.52 7.61 17.30
C ALA B 208 -23.98 7.57 17.70
N LYS B 209 -24.83 7.12 16.78
CA LYS B 209 -26.28 7.09 16.99
C LYS B 209 -26.81 5.69 16.76
N LEU B 210 -27.89 5.37 17.45
CA LEU B 210 -28.57 4.09 17.32
C LEU B 210 -29.93 4.31 16.68
N TRP B 211 -30.30 3.41 15.76
CA TRP B 211 -31.54 3.51 15.01
C TRP B 211 -32.28 2.19 15.06
N ASP B 212 -33.60 2.28 15.03
CA ASP B 212 -34.47 1.11 14.95
C ASP B 212 -35.00 1.01 13.52
N VAL B 213 -34.76 -0.14 12.88
CA VAL B 213 -35.14 -0.29 11.48
C VAL B 213 -36.64 -0.15 11.30
N ARG B 214 -37.42 -0.77 12.19
CA ARG B 214 -38.87 -0.74 12.04
C ARG B 214 -39.43 0.64 12.34
N GLU B 215 -39.00 1.24 13.44
CA GLU B 215 -39.51 2.56 13.82
C GLU B 215 -39.05 3.64 12.85
N GLY B 216 -37.78 3.61 12.47
CA GLY B 216 -37.25 4.57 11.51
C GLY B 216 -36.77 5.87 12.09
N MET B 217 -36.46 5.92 13.39
CA MET B 217 -35.98 7.14 14.03
C MET B 217 -34.87 6.79 15.00
N CYS B 218 -34.02 7.79 15.28
CA CYS B 218 -32.90 7.59 16.19
C CYS B 218 -33.40 7.46 17.63
N ARG B 219 -32.53 6.93 18.47
CA ARG B 219 -32.86 6.71 19.89
C ARG B 219 -31.85 7.32 20.84
N GLN B 220 -30.56 7.29 20.50
CA GLN B 220 -29.52 7.75 21.40
C GLN B 220 -28.41 8.39 20.59
N THR B 221 -27.50 9.07 21.30
CA THR B 221 -26.36 9.72 20.66
C THR B 221 -25.20 9.74 21.65
N PHE B 222 -24.04 9.24 21.22
CA PHE B 222 -22.83 9.22 22.01
C PHE B 222 -21.78 10.10 21.34
N THR B 223 -21.22 11.04 22.10
CA THR B 223 -20.21 11.98 21.60
C THR B 223 -19.02 12.01 22.53
N GLY B 224 -18.55 10.85 22.95
CA GLY B 224 -17.39 10.73 23.81
C GLY B 224 -16.05 10.74 23.12
N HIS B 225 -16.03 10.89 21.80
CA HIS B 225 -14.80 10.86 21.04
C HIS B 225 -14.37 12.27 20.67
N GLU B 226 -13.07 12.55 20.81
CA GLU B 226 -12.53 13.86 20.49
C GLU B 226 -12.27 14.05 19.00
N SER B 227 -12.26 12.97 18.22
CA SER B 227 -12.04 13.05 16.79
C SER B 227 -13.04 12.14 16.09
N ASP B 228 -12.84 11.92 14.79
CA ASP B 228 -13.78 11.13 14.00
C ASP B 228 -13.73 9.66 14.43
N ILE B 229 -14.77 8.93 14.04
CA ILE B 229 -14.89 7.50 14.30
C ILE B 229 -14.70 6.76 12.99
N ASN B 230 -13.77 5.81 12.97
CA ASN B 230 -13.40 5.13 11.74
C ASN B 230 -14.15 3.83 11.51
N ALA B 231 -14.55 3.13 12.58
CA ALA B 231 -15.22 1.85 12.42
C ALA B 231 -16.16 1.61 13.60
N ILE B 232 -17.14 0.73 13.37
CA ILE B 232 -18.13 0.37 14.36
C ILE B 232 -18.36 -1.13 14.29
N CYS B 233 -18.53 -1.76 15.45
CA CYS B 233 -18.83 -3.19 15.51
C CYS B 233 -19.70 -3.46 16.72
N PHE B 234 -20.82 -4.15 16.50
CA PHE B 234 -21.74 -4.45 17.58
C PHE B 234 -21.18 -5.57 18.46
N PHE B 235 -21.43 -5.46 19.76
CA PHE B 235 -21.02 -6.50 20.68
C PHE B 235 -21.79 -7.78 20.39
N PRO B 236 -21.18 -8.95 20.60
CA PRO B 236 -21.91 -10.20 20.35
C PRO B 236 -23.23 -10.29 21.10
N ASN B 237 -23.27 -9.79 22.33
CA ASN B 237 -24.51 -9.84 23.10
C ASN B 237 -25.58 -8.88 22.57
N GLY B 238 -25.22 -7.99 21.65
CA GLY B 238 -26.20 -7.08 21.07
C GLY B 238 -26.60 -5.94 21.98
N ASN B 239 -25.69 -5.46 22.82
CA ASN B 239 -25.99 -4.33 23.70
C ASN B 239 -24.85 -3.32 23.78
N ALA B 240 -23.77 -3.49 23.05
CA ALA B 240 -22.65 -2.56 23.08
C ALA B 240 -21.96 -2.56 21.72
N PHE B 241 -20.99 -1.68 21.56
CA PHE B 241 -20.25 -1.60 20.31
C PHE B 241 -18.96 -0.81 20.53
N ALA B 242 -17.87 -1.30 19.95
CA ALA B 242 -16.60 -0.60 20.00
C ALA B 242 -16.61 0.58 19.04
N THR B 243 -15.62 1.46 19.19
CA THR B 243 -15.53 2.66 18.37
C THR B 243 -14.07 3.02 18.17
N GLY B 244 -13.58 2.85 16.94
CA GLY B 244 -12.27 3.35 16.59
C GLY B 244 -12.32 4.85 16.32
N SER B 245 -11.13 5.43 16.15
CA SER B 245 -11.05 6.86 15.90
C SER B 245 -9.69 7.20 15.32
N ASP B 246 -9.59 8.41 14.76
CA ASP B 246 -8.32 8.90 14.22
C ASP B 246 -7.39 9.44 15.30
N ASP B 247 -7.85 9.55 16.54
CA ASP B 247 -7.05 10.06 17.64
C ASP B 247 -6.28 8.95 18.36
N ALA B 248 -6.30 7.72 17.84
CA ALA B 248 -5.58 6.58 18.38
C ALA B 248 -6.24 6.02 19.65
N THR B 249 -7.50 6.33 19.90
CA THR B 249 -8.22 5.88 21.08
C THR B 249 -9.41 5.05 20.66
N CYS B 250 -9.55 3.87 21.27
CA CYS B 250 -10.71 3.02 21.09
C CYS B 250 -11.60 3.10 22.33
N ARG B 251 -12.92 3.18 22.13
CA ARG B 251 -13.86 3.34 23.21
C ARG B 251 -15.02 2.36 23.05
N LEU B 252 -15.64 2.03 24.18
CA LEU B 252 -16.77 1.10 24.21
C LEU B 252 -17.97 1.81 24.84
N PHE B 253 -19.13 1.67 24.20
CA PHE B 253 -20.36 2.27 24.68
C PHE B 253 -21.41 1.19 24.92
N ASP B 254 -22.37 1.51 25.78
CA ASP B 254 -23.51 0.64 26.06
C ASP B 254 -24.79 1.39 25.75
N LEU B 255 -25.73 0.70 25.09
CA LEU B 255 -26.98 1.34 24.70
C LEU B 255 -27.76 1.80 25.93
N ARG B 256 -27.84 0.95 26.95
CA ARG B 256 -28.59 1.31 28.15
C ARG B 256 -27.84 2.34 28.98
N ALA B 257 -26.51 2.26 29.01
CA ALA B 257 -25.73 3.22 29.80
C ALA B 257 -25.88 4.63 29.23
N ASP B 258 -25.91 4.77 27.90
CA ASP B 258 -26.06 6.04 27.23
C ASP B 258 -24.84 6.95 27.39
N GLN B 259 -23.67 6.37 27.68
CA GLN B 259 -22.46 7.16 27.85
C GLN B 259 -21.25 6.27 27.63
N GLU B 260 -20.11 6.91 27.40
CA GLU B 260 -18.86 6.18 27.23
C GLU B 260 -18.49 5.47 28.53
N LEU B 261 -18.00 4.23 28.40
CA LEU B 261 -17.63 3.41 29.54
C LEU B 261 -16.12 3.21 29.66
N MET B 262 -15.47 2.80 28.58
CA MET B 262 -14.05 2.48 28.59
C MET B 262 -13.35 3.16 27.42
N THR B 263 -12.08 3.48 27.61
CA THR B 263 -11.24 4.07 26.57
C THR B 263 -9.90 3.35 26.56
N TYR B 264 -9.44 2.98 25.37
CA TYR B 264 -8.16 2.29 25.19
C TYR B 264 -7.21 3.23 24.46
N SER B 265 -6.06 3.48 25.06
CA SER B 265 -5.06 4.36 24.46
C SER B 265 -3.78 4.26 25.27
N HIS B 266 -2.65 4.43 24.59
CA HIS B 266 -1.33 4.39 25.21
C HIS B 266 -0.49 5.51 24.63
N ASP B 267 0.51 5.94 25.43
CA ASP B 267 1.37 7.02 24.98
C ASP B 267 2.13 6.65 23.71
N ASN B 268 2.62 5.42 23.64
CA ASN B 268 3.36 4.99 22.46
C ASN B 268 2.50 5.05 21.19
N ILE B 269 1.20 4.88 21.33
CA ILE B 269 0.28 4.88 20.19
C ILE B 269 -0.12 6.32 19.90
N ILE B 270 0.21 6.79 18.69
CA ILE B 270 -0.17 8.12 18.25
C ILE B 270 -0.80 8.02 16.86
N CYS B 271 -1.34 6.85 16.55
CA CYS B 271 -1.91 6.56 15.24
C CYS B 271 -3.36 6.13 15.38
N GLY B 272 -4.20 6.61 14.46
CA GLY B 272 -5.62 6.31 14.53
C GLY B 272 -5.92 4.86 14.20
N ILE B 273 -7.12 4.44 14.58
CA ILE B 273 -7.59 3.07 14.35
C ILE B 273 -8.35 3.03 13.03
N THR B 274 -8.03 2.05 12.19
CA THR B 274 -8.66 1.92 10.88
C THR B 274 -9.91 1.06 10.91
N SER B 275 -9.90 -0.03 11.68
CA SER B 275 -11.04 -0.92 11.74
C SER B 275 -11.08 -1.60 13.10
N VAL B 276 -12.26 -2.09 13.47
CA VAL B 276 -12.46 -2.78 14.74
C VAL B 276 -13.50 -3.86 14.54
N SER B 277 -13.32 -4.99 15.21
CA SER B 277 -14.26 -6.10 15.13
C SER B 277 -14.15 -6.93 16.39
N PHE B 278 -15.27 -7.12 17.09
CA PHE B 278 -15.28 -7.90 18.32
C PHE B 278 -15.19 -9.39 18.03
N SER B 279 -14.68 -10.13 19.00
CA SER B 279 -14.56 -11.58 18.88
C SER B 279 -15.90 -12.24 19.19
N LYS B 280 -15.94 -13.57 19.06
CA LYS B 280 -17.18 -14.29 19.30
C LYS B 280 -17.64 -14.14 20.74
N SER B 281 -16.72 -14.28 21.69
CA SER B 281 -17.07 -14.15 23.10
C SER B 281 -17.15 -12.71 23.56
N GLY B 282 -16.62 -11.77 22.79
CA GLY B 282 -16.65 -10.37 23.13
C GLY B 282 -15.58 -9.93 24.11
N ARG B 283 -14.73 -10.84 24.58
CA ARG B 283 -13.68 -10.48 25.53
C ARG B 283 -12.48 -9.82 24.85
N LEU B 284 -12.37 -9.91 23.53
CA LEU B 284 -11.28 -9.32 22.78
C LEU B 284 -11.82 -8.28 21.81
N LEU B 285 -11.04 -7.23 21.59
CA LEU B 285 -11.40 -6.13 20.70
C LEU B 285 -10.26 -5.96 19.71
N LEU B 286 -10.31 -6.73 18.61
CA LEU B 286 -9.29 -6.64 17.59
C LEU B 286 -9.44 -5.33 16.81
N ALA B 287 -8.31 -4.71 16.48
CA ALA B 287 -8.32 -3.44 15.78
C ALA B 287 -7.08 -3.31 14.92
N GLY B 288 -7.22 -2.60 13.80
CA GLY B 288 -6.12 -2.31 12.90
C GLY B 288 -5.74 -0.84 12.98
N TYR B 289 -4.44 -0.57 13.00
CA TYR B 289 -3.93 0.77 13.20
C TYR B 289 -3.30 1.30 11.92
N ASP B 290 -3.13 2.62 11.87
CA ASP B 290 -2.53 3.27 10.71
C ASP B 290 -1.07 2.92 10.54
N ASP B 291 -0.42 2.35 11.57
CA ASP B 291 0.99 1.97 11.51
C ASP B 291 1.19 0.53 11.06
N PHE B 292 0.29 0.01 10.24
CA PHE B 292 0.33 -1.38 9.77
C PHE B 292 0.75 -2.32 10.90
N ASN B 293 0.01 -2.25 12.01
CA ASN B 293 0.30 -3.07 13.18
C ASN B 293 -1.01 -3.34 13.90
N CYS B 294 -1.61 -4.49 13.63
CA CYS B 294 -2.86 -4.86 14.29
C CYS B 294 -2.61 -5.16 15.77
N ASN B 295 -3.56 -4.77 16.62
CA ASN B 295 -3.46 -4.98 18.04
C ASN B 295 -4.75 -5.59 18.56
N VAL B 296 -4.63 -6.57 19.45
CA VAL B 296 -5.76 -7.28 20.04
C VAL B 296 -5.98 -6.68 21.42
N TRP B 297 -6.88 -5.71 21.52
CA TRP B 297 -7.18 -5.08 22.78
C TRP B 297 -8.05 -6.00 23.64
N ASP B 298 -8.14 -5.66 24.93
CA ASP B 298 -8.98 -6.38 25.88
C ASP B 298 -10.17 -5.50 26.26
N ALA B 299 -11.37 -6.04 26.13
CA ALA B 299 -12.57 -5.27 26.42
C ALA B 299 -12.73 -4.98 27.91
N LEU B 300 -12.02 -5.70 28.77
CA LEU B 300 -12.16 -5.54 30.22
C LEU B 300 -10.92 -4.93 30.85
N LYS B 301 -9.74 -5.54 30.64
CA LYS B 301 -8.52 -4.99 31.23
C LYS B 301 -8.13 -3.68 30.56
N ALA B 302 -8.36 -3.56 29.25
CA ALA B 302 -7.99 -2.43 28.40
C ALA B 302 -6.51 -2.47 28.04
N ASP B 303 -5.75 -3.45 28.52
CA ASP B 303 -4.35 -3.59 28.16
C ASP B 303 -4.21 -4.47 26.93
N ARG B 304 -3.20 -4.17 26.11
CA ARG B 304 -2.99 -4.92 24.89
C ARG B 304 -2.77 -6.40 25.20
N ALA B 305 -3.47 -7.27 24.47
CA ALA B 305 -3.40 -8.70 24.67
C ALA B 305 -2.54 -9.41 23.62
N GLY B 306 -1.88 -8.66 22.75
CA GLY B 306 -1.05 -9.23 21.72
C GLY B 306 -1.07 -8.36 20.48
N VAL B 307 0.00 -8.44 19.70
CA VAL B 307 0.17 -7.67 18.48
C VAL B 307 0.35 -8.63 17.32
N LEU B 308 -0.48 -8.49 16.30
CA LEU B 308 -0.40 -9.33 15.10
C LEU B 308 0.35 -8.60 13.99
N ALA B 309 1.64 -8.35 14.26
CA ALA B 309 2.48 -7.68 13.27
C ALA B 309 2.70 -8.58 12.07
N GLY B 310 2.91 -7.96 10.90
CA GLY B 310 3.17 -8.71 9.69
C GLY B 310 2.56 -8.08 8.45
N HIS B 311 1.57 -7.22 8.63
CA HIS B 311 0.93 -6.55 7.51
C HIS B 311 1.69 -5.29 7.13
N ASP B 312 1.54 -4.86 5.88
CA ASP B 312 2.30 -3.76 5.33
C ASP B 312 1.40 -2.60 4.92
N ASN B 313 1.72 -1.42 5.44
CA ASN B 313 1.18 -0.14 4.97
C ASN B 313 -0.25 0.13 5.43
N ARG B 314 -0.94 -0.85 5.99
CA ARG B 314 -2.27 -0.62 6.58
C ARG B 314 -2.82 -1.94 7.11
N VAL B 315 -3.92 -1.83 7.84
CA VAL B 315 -4.78 -2.97 8.18
C VAL B 315 -6.20 -2.51 7.84
N SER B 316 -6.67 -2.86 6.64
CA SER B 316 -7.91 -2.27 6.13
C SER B 316 -9.11 -2.64 6.97
N CYS B 317 -9.30 -3.95 7.21
CA CYS B 317 -10.48 -4.40 7.93
C CYS B 317 -10.24 -5.78 8.49
N LEU B 318 -10.87 -6.07 9.62
CA LEU B 318 -10.82 -7.37 10.26
C LEU B 318 -12.15 -8.10 10.09
N GLY B 319 -12.26 -9.27 10.73
CA GLY B 319 -13.48 -10.03 10.67
C GLY B 319 -13.45 -11.18 11.66
N VAL B 320 -14.64 -11.66 12.00
CA VAL B 320 -14.82 -12.77 12.91
C VAL B 320 -15.98 -13.62 12.43
N THR B 321 -16.00 -14.88 12.85
CA THR B 321 -17.01 -15.83 12.42
C THR B 321 -18.23 -15.77 13.33
N ASP B 322 -19.26 -16.54 12.97
CA ASP B 322 -20.39 -16.74 13.87
C ASP B 322 -20.02 -17.58 15.08
N ASP B 323 -18.85 -18.23 15.06
CA ASP B 323 -18.39 -19.05 16.17
C ASP B 323 -16.98 -18.70 16.63
N GLY B 324 -16.36 -17.68 16.04
CA GLY B 324 -15.01 -17.28 16.44
C GLY B 324 -13.97 -18.34 16.18
N MET B 325 -14.00 -18.92 14.98
CA MET B 325 -13.05 -19.98 14.62
C MET B 325 -11.83 -19.46 13.86
N ALA B 326 -11.89 -18.25 13.31
CA ALA B 326 -10.78 -17.68 12.55
C ALA B 326 -11.04 -16.20 12.34
N VAL B 327 -9.94 -15.46 12.16
CA VAL B 327 -9.98 -14.02 11.95
C VAL B 327 -9.22 -13.69 10.68
N ALA B 328 -9.84 -12.92 9.80
CA ALA B 328 -9.19 -12.43 8.58
C ALA B 328 -8.80 -10.97 8.78
N THR B 329 -7.52 -10.67 8.57
CA THR B 329 -6.97 -9.34 8.78
C THR B 329 -6.61 -8.75 7.41
N GLY B 330 -7.58 -8.07 6.80
CA GLY B 330 -7.31 -7.42 5.53
C GLY B 330 -6.31 -6.30 5.68
N SER B 331 -5.54 -6.07 4.62
CA SER B 331 -4.49 -5.06 4.64
C SER B 331 -4.35 -4.46 3.25
N TRP B 332 -3.75 -3.26 3.19
CA TRP B 332 -3.50 -2.62 1.91
C TRP B 332 -2.41 -3.32 1.11
N ASP B 333 -1.72 -4.28 1.72
CA ASP B 333 -0.67 -5.01 1.02
C ASP B 333 -1.23 -5.96 -0.03
N SER B 334 -2.55 -6.13 -0.10
CA SER B 334 -3.25 -7.02 -1.02
C SER B 334 -3.21 -8.47 -0.54
N PHE B 335 -2.78 -8.72 0.68
CA PHE B 335 -2.70 -10.07 1.24
C PHE B 335 -3.69 -10.17 2.40
N LEU B 336 -4.57 -11.16 2.34
CA LEU B 336 -5.50 -11.46 3.43
C LEU B 336 -4.90 -12.58 4.26
N LYS B 337 -4.45 -12.24 5.47
CA LYS B 337 -3.84 -13.22 6.37
C LYS B 337 -4.88 -13.67 7.40
N ILE B 338 -5.12 -14.97 7.45
CA ILE B 338 -6.10 -15.56 8.36
C ILE B 338 -5.33 -16.02 9.59
N TRP B 339 -5.57 -15.35 10.72
CA TRP B 339 -4.88 -15.67 11.97
C TRP B 339 -5.76 -16.57 12.83
N ASN B 340 -5.12 -17.50 13.52
CA ASN B 340 -5.84 -18.43 14.40
C ASN B 340 -5.12 -19.19 15.52
N ALA C 3 -33.81 25.64 6.51
CA ALA C 3 -33.92 26.90 7.29
C ALA C 3 -33.36 26.72 8.70
N SER C 4 -32.88 27.81 9.29
CA SER C 4 -32.33 27.74 10.64
C SER C 4 -33.39 27.33 11.65
N ILE C 5 -34.61 27.87 11.51
CA ILE C 5 -35.68 27.53 12.45
C ILE C 5 -36.00 26.05 12.38
N ALA C 6 -36.06 25.48 11.18
CA ALA C 6 -36.37 24.07 11.03
C ALA C 6 -35.29 23.20 11.69
N GLN C 7 -34.02 23.54 11.45
CA GLN C 7 -32.94 22.78 12.07
C GLN C 7 -32.99 22.88 13.58
N ALA C 8 -33.25 24.08 14.11
CA ALA C 8 -33.34 24.25 15.55
C ALA C 8 -34.47 23.44 16.14
N ARG C 9 -35.63 23.44 15.49
CA ARG C 9 -36.77 22.66 15.99
C ARG C 9 -36.46 21.17 15.97
N LYS C 10 -35.89 20.69 14.86
CA LYS C 10 -35.53 19.28 14.80
C LYS C 10 -34.54 18.91 15.90
N LEU C 11 -33.55 19.78 16.12
CA LEU C 11 -32.56 19.52 17.15
C LEU C 11 -33.20 19.48 18.54
N VAL C 12 -34.16 20.38 18.80
CA VAL C 12 -34.75 20.43 20.14
C VAL C 12 -35.64 19.21 20.38
N GLU C 13 -36.39 18.77 19.36
CA GLU C 13 -37.11 17.51 19.51
C GLU C 13 -36.15 16.35 19.73
N GLN C 14 -35.03 16.32 19.01
CA GLN C 14 -34.07 15.23 19.21
C GLN C 14 -33.53 15.25 20.64
N LEU C 15 -33.20 16.43 21.15
CA LEU C 15 -32.70 16.54 22.52
C LEU C 15 -33.75 16.10 23.53
N LYS C 16 -35.01 16.50 23.33
CA LYS C 16 -36.07 16.07 24.23
C LYS C 16 -36.24 14.56 24.22
N MET C 17 -36.21 13.95 23.02
CA MET C 17 -36.33 12.51 22.92
C MET C 17 -35.18 11.80 23.60
N GLU C 18 -33.96 12.31 23.43
CA GLU C 18 -32.80 11.69 24.06
C GLU C 18 -32.76 11.93 25.56
N ALA C 19 -33.43 12.97 26.05
CA ALA C 19 -33.45 13.25 27.48
C ALA C 19 -34.57 12.54 28.22
N ASN C 20 -35.66 12.22 27.54
CA ASN C 20 -36.80 11.56 28.18
C ASN C 20 -36.72 10.04 28.13
N ILE C 21 -35.60 9.49 27.65
CA ILE C 21 -35.45 8.04 27.58
C ILE C 21 -34.88 7.52 28.90
N ASP C 22 -35.04 6.22 29.13
CA ASP C 22 -34.61 5.61 30.36
C ASP C 22 -33.10 5.40 30.34
N ARG C 23 -32.49 5.50 31.53
CA ARG C 23 -31.06 5.26 31.69
C ARG C 23 -30.85 4.45 32.95
N ILE C 24 -29.73 3.71 32.98
CA ILE C 24 -29.37 2.86 34.11
C ILE C 24 -27.93 3.14 34.50
N LYS C 25 -27.53 2.60 35.64
CA LYS C 25 -26.18 2.80 36.15
C LYS C 25 -25.15 2.13 35.26
N VAL C 26 -24.00 2.78 35.10
CA VAL C 26 -22.92 2.20 34.30
C VAL C 26 -22.42 0.91 34.92
N SER C 27 -22.54 0.77 36.25
CA SER C 27 -22.09 -0.45 36.90
C SER C 27 -22.83 -1.66 36.37
N LYS C 28 -24.14 -1.53 36.13
CA LYS C 28 -24.90 -2.64 35.58
C LYS C 28 -24.43 -3.00 34.17
N ALA C 29 -24.10 -1.99 33.36
CA ALA C 29 -23.59 -2.26 32.02
C ALA C 29 -22.26 -3.02 32.09
N ALA C 30 -21.36 -2.58 32.98
CA ALA C 30 -20.08 -3.26 33.12
C ALA C 30 -20.29 -4.70 33.61
N ALA C 31 -21.20 -4.89 34.56
CA ALA C 31 -21.49 -6.23 35.06
C ALA C 31 -22.05 -7.12 33.96
N ASP C 32 -22.94 -6.57 33.13
CA ASP C 32 -23.50 -7.35 32.03
C ASP C 32 -22.42 -7.77 31.05
N LEU C 33 -21.53 -6.84 30.68
CA LEU C 33 -20.45 -7.18 29.76
C LEU C 33 -19.53 -8.23 30.36
N MET C 34 -19.19 -8.09 31.65
CA MET C 34 -18.31 -9.06 32.29
C MET C 34 -18.97 -10.43 32.34
N ALA C 35 -20.26 -10.48 32.67
CA ALA C 35 -20.97 -11.75 32.74
C ALA C 35 -21.03 -12.41 31.37
N TYR C 36 -21.31 -11.63 30.31
CA TYR C 36 -21.35 -12.21 28.97
C TYR C 36 -19.98 -12.74 28.57
N CYS C 37 -18.92 -11.99 28.89
CA CYS C 37 -17.57 -12.48 28.56
C CYS C 37 -17.25 -13.76 29.30
N GLU C 38 -17.62 -13.84 30.59
CA GLU C 38 -17.33 -15.04 31.37
C GLU C 38 -18.12 -16.24 30.86
N ALA C 39 -19.39 -16.03 30.50
CA ALA C 39 -20.25 -17.14 30.12
C ALA C 39 -19.92 -17.69 28.74
N HIS C 40 -19.25 -16.91 27.89
CA HIS C 40 -18.92 -17.34 26.53
C HIS C 40 -17.43 -17.60 26.34
N ALA C 41 -16.66 -17.66 27.43
CA ALA C 41 -15.23 -17.90 27.33
C ALA C 41 -14.88 -19.35 27.01
N LYS C 42 -15.83 -20.27 27.16
CA LYS C 42 -15.60 -21.68 26.89
C LYS C 42 -16.02 -22.09 25.49
N GLU C 43 -16.19 -21.13 24.58
CA GLU C 43 -16.67 -21.41 23.24
C GLU C 43 -15.87 -20.73 22.13
N ASP C 44 -14.91 -19.86 22.45
CA ASP C 44 -14.17 -19.12 21.44
C ASP C 44 -12.74 -19.67 21.32
N PRO C 45 -12.42 -20.46 20.30
CA PRO C 45 -11.04 -20.84 20.06
C PRO C 45 -10.06 -19.67 20.13
N LEU C 46 -10.47 -18.46 19.73
CA LEU C 46 -9.54 -17.33 19.74
C LEU C 46 -9.05 -17.02 21.15
N LEU C 47 -9.95 -17.04 22.13
CA LEU C 47 -9.56 -16.77 23.50
C LEU C 47 -8.60 -17.84 24.02
N THR C 48 -8.90 -19.11 23.74
CA THR C 48 -8.07 -20.22 24.18
C THR C 48 -7.85 -21.17 23.00
N PRO C 49 -6.60 -21.51 22.66
CA PRO C 49 -6.38 -22.38 21.51
C PRO C 49 -7.11 -23.71 21.65
N VAL C 50 -7.24 -24.40 20.52
CA VAL C 50 -7.94 -25.69 20.47
C VAL C 50 -7.04 -26.69 19.75
N PRO C 51 -7.22 -27.98 20.03
CA PRO C 51 -6.36 -28.98 19.38
C PRO C 51 -6.54 -28.99 17.87
N ALA C 52 -5.46 -29.31 17.18
CA ALA C 52 -5.49 -29.35 15.71
C ALA C 52 -6.38 -30.45 15.17
N SER C 53 -6.78 -31.41 16.00
CA SER C 53 -7.64 -32.49 15.53
C SER C 53 -8.98 -31.95 15.03
N GLU C 54 -9.56 -31.01 15.77
CA GLU C 54 -10.83 -30.41 15.39
C GLU C 54 -10.69 -29.05 14.72
N ASN C 55 -9.58 -28.36 14.95
CA ASN C 55 -9.39 -27.04 14.35
C ASN C 55 -9.24 -27.19 12.83
N PRO C 56 -10.05 -26.47 12.04
CA PRO C 56 -9.89 -26.61 10.58
C PRO C 56 -8.59 -26.03 10.06
N PHE C 57 -8.22 -24.84 10.51
CA PHE C 57 -6.97 -24.24 10.05
C PHE C 57 -5.76 -24.97 10.62
N ARG C 58 -5.89 -25.53 11.82
CA ARG C 58 -4.81 -26.26 12.48
C ARG C 58 -3.46 -25.58 12.29
N SER D 73 51.01 -29.77 3.96
CA SER D 73 50.00 -28.81 4.38
C SER D 73 49.79 -27.74 3.31
N PRO D 74 48.60 -27.13 3.27
CA PRO D 74 48.38 -26.04 2.33
C PRO D 74 49.32 -24.88 2.62
N LYS D 75 50.09 -24.49 1.60
CA LYS D 75 51.10 -23.47 1.77
C LYS D 75 50.46 -22.12 2.07
N ALA D 76 51.31 -21.11 2.27
CA ALA D 76 50.83 -19.77 2.58
C ALA D 76 49.96 -19.24 1.44
N TRP D 77 49.01 -18.38 1.79
CA TRP D 77 48.10 -17.76 0.84
C TRP D 77 47.07 -18.76 0.32
N ASP D 78 47.08 -19.99 0.85
CA ASP D 78 46.04 -20.95 0.48
C ASP D 78 44.79 -20.77 1.35
N VAL D 79 44.97 -20.41 2.62
CA VAL D 79 43.84 -20.19 3.50
C VAL D 79 43.00 -19.01 3.06
N VAL D 80 43.59 -18.04 2.38
CA VAL D 80 42.83 -16.87 1.94
C VAL D 80 41.71 -17.29 1.00
N LEU D 81 41.98 -18.23 0.09
CA LEU D 81 40.94 -18.71 -0.81
C LEU D 81 39.78 -19.30 -0.02
N CYS D 82 40.08 -20.15 0.97
CA CYS D 82 39.03 -20.80 1.74
C CYS D 82 38.19 -19.78 2.51
N ILE D 83 38.86 -18.85 3.20
CA ILE D 83 38.13 -17.90 4.03
C ILE D 83 37.31 -16.96 3.14
N SER D 84 37.86 -16.53 2.01
CA SER D 84 37.10 -15.68 1.11
C SER D 84 35.89 -16.41 0.55
N GLY D 85 36.04 -17.67 0.16
CA GLY D 85 34.90 -18.43 -0.34
C GLY D 85 33.83 -18.60 0.72
N THR D 86 34.25 -18.90 1.95
CA THR D 86 33.28 -19.05 3.05
C THR D 86 32.54 -17.75 3.29
N LEU D 87 33.25 -16.62 3.30
CA LEU D 87 32.60 -15.33 3.53
C LEU D 87 31.65 -14.98 2.40
N VAL D 88 32.04 -15.25 1.15
CA VAL D 88 31.17 -14.98 0.02
C VAL D 88 29.89 -15.80 0.14
N SER D 89 30.04 -17.10 0.43
CA SER D 89 28.88 -17.98 0.52
C SER D 89 27.98 -17.59 1.68
N CYS D 90 28.55 -17.19 2.81
CA CYS D 90 27.75 -16.84 3.97
C CYS D 90 26.78 -15.71 3.65
N GLU D 91 27.28 -14.64 3.02
CA GLU D 91 26.41 -13.50 2.74
C GLU D 91 25.50 -13.75 1.54
N ASN D 92 25.99 -14.47 0.52
CA ASN D 92 25.18 -14.62 -0.69
C ASN D 92 24.07 -15.65 -0.49
N ALA D 93 24.33 -16.71 0.29
CA ALA D 93 23.28 -17.66 0.61
C ALA D 93 22.15 -16.98 1.37
N LEU D 94 22.49 -16.09 2.29
CA LEU D 94 21.46 -15.32 2.99
C LEU D 94 20.61 -14.54 2.00
N VAL D 95 21.25 -13.84 1.07
CA VAL D 95 20.51 -13.10 0.05
C VAL D 95 19.65 -14.05 -0.78
N VAL D 96 20.22 -15.21 -1.14
CA VAL D 96 19.44 -16.20 -1.88
C VAL D 96 18.24 -16.66 -1.05
N ALA D 97 18.46 -16.95 0.23
CA ALA D 97 17.38 -17.44 1.07
C ALA D 97 16.26 -16.41 1.18
N ILE D 98 16.61 -15.13 1.31
CA ILE D 98 15.61 -14.08 1.45
C ILE D 98 14.88 -13.89 0.12
N ILE D 99 15.63 -13.56 -0.94
CA ILE D 99 14.99 -13.18 -2.20
C ILE D 99 14.20 -14.35 -2.77
N VAL D 100 14.82 -15.52 -2.87
CA VAL D 100 14.17 -16.65 -3.53
C VAL D 100 13.25 -17.40 -2.56
N GLY D 101 13.61 -17.43 -1.28
CA GLY D 101 12.87 -18.22 -0.32
C GLY D 101 11.60 -17.56 0.18
N THR D 102 11.70 -16.32 0.63
CA THR D 102 10.54 -15.66 1.23
C THR D 102 9.47 -15.38 0.18
N PRO D 103 8.20 -15.32 0.58
CA PRO D 103 7.15 -15.03 -0.39
C PRO D 103 7.37 -13.70 -1.09
N ALA D 104 6.66 -13.52 -2.19
CA ALA D 104 6.80 -12.29 -3.01
C ALA D 104 8.26 -12.20 -3.46
N PHE D 105 8.74 -11.00 -3.74
CA PHE D 105 10.11 -10.77 -4.20
C PHE D 105 10.41 -11.49 -5.50
N ARG D 106 9.39 -11.77 -6.31
CA ARG D 106 9.57 -12.40 -7.60
C ARG D 106 9.58 -11.40 -8.74
N ALA D 107 9.70 -10.11 -8.43
CA ALA D 107 9.81 -9.10 -9.47
C ALA D 107 11.09 -9.32 -10.27
N PRO D 108 11.12 -8.90 -11.54
CA PRO D 108 12.29 -9.19 -12.38
C PRO D 108 13.59 -8.67 -11.79
N MET D 109 13.58 -7.49 -11.17
CA MET D 109 14.78 -6.98 -10.53
C MET D 109 15.25 -7.92 -9.43
N PHE D 110 14.31 -8.40 -8.60
CA PHE D 110 14.67 -9.35 -7.55
C PHE D 110 15.07 -10.71 -8.12
N LEU D 111 14.51 -11.12 -9.25
CA LEU D 111 14.97 -12.34 -9.89
C LEU D 111 16.43 -12.21 -10.33
N LEU D 112 16.79 -11.06 -10.90
CA LEU D 112 18.19 -10.80 -11.37
C LEU D 112 19.12 -10.62 -10.17
N VAL D 113 18.63 -10.13 -9.03
CA VAL D 113 19.43 -10.07 -7.81
C VAL D 113 19.65 -11.48 -7.25
N GLY D 114 18.61 -12.31 -7.28
CA GLY D 114 18.75 -13.68 -6.82
C GLY D 114 19.70 -14.48 -7.69
N SER D 115 19.68 -14.23 -9.00
CA SER D 115 20.63 -14.89 -9.89
C SER D 115 22.06 -14.48 -9.56
N LEU D 116 22.28 -13.19 -9.30
CA LEU D 116 23.61 -12.73 -8.90
C LEU D 116 24.04 -13.39 -7.60
N ALA D 117 23.14 -13.47 -6.62
CA ALA D 117 23.46 -14.11 -5.36
C ALA D 117 23.77 -15.58 -5.54
N VAL D 118 23.02 -16.27 -6.40
CA VAL D 118 23.28 -17.69 -6.66
C VAL D 118 24.65 -17.86 -7.30
N ALA D 119 24.99 -17.00 -8.26
CA ALA D 119 26.30 -17.10 -8.90
C ALA D 119 27.42 -16.88 -7.89
N ASP D 120 27.30 -15.87 -7.03
CA ASP D 120 28.33 -15.62 -6.03
C ASP D 120 28.42 -16.77 -5.03
N LEU D 121 27.27 -17.34 -4.64
CA LEU D 121 27.28 -18.48 -3.74
C LEU D 121 27.98 -19.67 -4.38
N LEU D 122 27.72 -19.91 -5.67
CA LEU D 122 28.41 -20.98 -6.36
C LEU D 122 29.91 -20.73 -6.41
N ALA D 123 30.32 -19.48 -6.64
CA ALA D 123 31.75 -19.17 -6.66
C ALA D 123 32.39 -19.43 -5.31
N GLY D 124 31.73 -19.00 -4.23
CA GLY D 124 32.29 -19.23 -2.90
C GLY D 124 32.36 -20.70 -2.55
N LEU D 125 31.30 -21.45 -2.87
CA LEU D 125 31.29 -22.87 -2.61
C LEU D 125 32.36 -23.58 -3.41
N GLY D 126 32.55 -23.16 -4.67
CA GLY D 126 33.62 -23.74 -5.48
C GLY D 126 34.99 -23.47 -4.90
N LEU D 127 35.21 -22.25 -4.41
CA LEU D 127 36.48 -21.94 -3.77
C LEU D 127 36.70 -22.83 -2.55
N VAL D 128 35.67 -22.97 -1.71
CA VAL D 128 35.81 -23.76 -0.49
C VAL D 128 36.10 -25.22 -0.85
N LEU D 129 35.38 -25.77 -1.82
CA LEU D 129 35.60 -27.15 -2.24
C LEU D 129 37.00 -27.32 -2.84
N HIS D 130 37.45 -26.32 -3.60
CA HIS D 130 38.79 -26.39 -4.18
C HIS D 130 39.86 -26.44 -3.10
N PHE D 131 39.68 -25.65 -2.03
CA PHE D 131 40.62 -25.74 -0.92
C PHE D 131 40.65 -27.13 -0.32
N ALA D 132 39.47 -27.73 -0.13
CA ALA D 132 39.42 -29.11 0.35
C ALA D 132 40.06 -30.05 -0.67
N ALA D 133 39.80 -29.82 -1.96
CA ALA D 133 40.41 -30.67 -2.99
C ALA D 133 41.92 -30.52 -3.03
N VAL D 134 42.44 -29.37 -2.57
CA VAL D 134 43.88 -29.14 -2.63
C VAL D 134 44.63 -30.13 -1.75
N PHE D 135 44.24 -30.24 -0.48
CA PHE D 135 44.96 -31.13 0.43
C PHE D 135 44.06 -32.22 1.01
N CYS D 136 42.93 -31.84 1.59
CA CYS D 136 42.12 -32.79 2.34
C CYS D 136 41.63 -33.92 1.44
N ILE D 137 40.78 -33.61 0.47
CA ILE D 137 40.31 -34.63 -0.45
C ILE D 137 41.47 -35.14 -1.31
N GLY D 138 42.31 -34.23 -1.81
CA GLY D 138 43.48 -34.60 -2.56
C GLY D 138 43.21 -35.23 -3.92
N SER D 139 42.00 -35.11 -4.45
CA SER D 139 41.69 -35.71 -5.73
C SER D 139 42.12 -34.79 -6.87
N ALA D 140 42.97 -35.31 -7.77
CA ALA D 140 43.43 -34.52 -8.90
C ALA D 140 42.30 -34.26 -9.89
N GLU D 141 41.43 -35.26 -10.11
CA GLU D 141 40.34 -35.11 -11.07
C GLU D 141 39.22 -34.20 -10.56
N MET D 142 39.06 -34.09 -9.24
CA MET D 142 38.03 -33.20 -8.71
C MET D 142 38.40 -31.74 -8.92
N SER D 143 39.70 -31.46 -9.02
CA SER D 143 40.15 -30.08 -9.17
C SER D 143 39.64 -29.47 -10.48
N LEU D 144 39.67 -30.24 -11.56
CA LEU D 144 39.17 -29.72 -12.84
C LEU D 144 37.68 -29.41 -12.78
N VAL D 145 36.89 -30.30 -12.16
CA VAL D 145 35.46 -30.06 -12.06
C VAL D 145 35.20 -28.82 -11.21
N LEU D 146 35.92 -28.68 -10.10
CA LEU D 146 35.73 -27.52 -9.25
C LEU D 146 36.17 -26.23 -9.94
N VAL D 147 37.21 -26.29 -10.76
CA VAL D 147 37.63 -25.11 -11.51
C VAL D 147 36.59 -24.74 -12.54
N GLY D 148 36.01 -25.73 -13.23
CA GLY D 148 34.90 -25.44 -14.13
C GLY D 148 33.75 -24.79 -13.40
N VAL D 149 33.42 -25.30 -12.22
CA VAL D 149 32.33 -24.72 -11.43
C VAL D 149 32.66 -23.27 -11.06
N LEU D 150 33.91 -23.01 -10.67
CA LEU D 150 34.30 -21.65 -10.29
C LEU D 150 34.22 -20.70 -11.47
N ALA D 151 34.70 -21.14 -12.64
CA ALA D 151 34.61 -20.30 -13.83
C ALA D 151 33.16 -20.01 -14.18
N MET D 152 32.31 -21.04 -14.12
CA MET D 152 30.89 -20.84 -14.38
C MET D 152 30.29 -19.84 -13.40
N ALA D 153 30.66 -19.97 -12.12
CA ALA D 153 30.08 -19.10 -11.10
C ALA D 153 30.50 -17.65 -11.30
N PHE D 154 31.78 -17.41 -11.57
CA PHE D 154 32.23 -16.04 -11.77
C PHE D 154 31.63 -15.44 -13.04
N THR D 155 31.58 -16.23 -14.12
CA THR D 155 30.96 -15.74 -15.35
C THR D 155 29.49 -15.39 -15.10
N ALA D 156 28.78 -16.25 -14.38
CA ALA D 156 27.38 -15.98 -14.08
C ALA D 156 27.21 -14.75 -13.20
N SER D 157 28.12 -14.55 -12.24
CA SER D 157 28.03 -13.39 -11.37
C SER D 157 28.22 -12.09 -12.16
N ILE D 158 29.21 -12.06 -13.05
CA ILE D 158 29.43 -10.85 -13.85
C ILE D 158 28.28 -10.66 -14.83
N GLY D 159 27.77 -11.74 -15.41
CA GLY D 159 26.61 -11.62 -16.28
C GLY D 159 25.39 -11.11 -15.54
N SER D 160 25.23 -11.52 -14.28
CA SER D 160 24.12 -11.03 -13.48
C SER D 160 24.28 -9.56 -13.13
N LEU D 161 25.52 -9.12 -12.88
CA LEU D 161 25.74 -7.69 -12.68
C LEU D 161 25.37 -6.90 -13.94
N LEU D 162 25.78 -7.38 -15.11
CA LEU D 162 25.40 -6.71 -16.35
C LEU D 162 23.89 -6.73 -16.55
N ALA D 163 23.27 -7.86 -16.21
CA ALA D 163 21.80 -8.05 -16.32
C ALA D 163 21.07 -7.08 -15.41
N ILE D 164 21.58 -6.83 -14.21
CA ILE D 164 20.99 -5.88 -13.28
C ILE D 164 21.14 -4.46 -13.80
N THR D 165 22.33 -4.13 -14.30
CA THR D 165 22.54 -2.78 -14.84
C THR D 165 21.61 -2.49 -16.01
N VAL D 166 21.49 -3.46 -16.94
CA VAL D 166 20.63 -3.30 -18.16
C VAL D 166 19.16 -3.27 -17.73
N ASP D 167 18.79 -3.96 -16.66
CA ASP D 167 17.43 -3.90 -16.15
C ASP D 167 17.13 -2.54 -15.55
N ARG D 168 18.08 -1.97 -14.80
CA ARG D 168 17.89 -0.64 -14.26
C ARG D 168 17.73 0.38 -15.40
N TYR D 169 18.58 0.27 -16.42
CA TYR D 169 18.50 1.21 -17.54
C TYR D 169 17.15 1.09 -18.25
N LEU D 170 16.66 -0.15 -18.41
CA LEU D 170 15.38 -0.42 -19.13
C LEU D 170 14.20 0.02 -18.28
N SER D 171 14.28 -0.05 -16.96
CA SER D 171 13.26 0.50 -16.08
C SER D 171 13.24 2.02 -16.10
N LEU D 172 14.39 2.66 -16.26
CA LEU D 172 14.42 4.11 -16.40
C LEU D 172 13.96 4.55 -17.80
N TYR D 173 14.16 3.70 -18.81
CA TYR D 173 13.91 4.13 -20.19
C TYR D 173 12.56 3.61 -20.69
N ASN D 174 11.96 2.66 -19.98
CA ASN D 174 10.55 2.31 -20.13
C ASN D 174 9.80 2.46 -18.80
N ALA D 175 10.00 3.59 -18.12
CA ALA D 175 9.43 3.75 -16.78
C ALA D 175 7.95 3.44 -16.75
N LEU D 176 7.18 3.95 -17.71
CA LEU D 176 5.74 3.69 -17.72
C LEU D 176 5.43 2.25 -18.10
N THR D 177 6.06 1.76 -19.17
CA THR D 177 5.80 0.40 -19.64
C THR D 177 6.73 -0.64 -19.04
N TYR D 178 7.67 -0.24 -18.18
CA TYR D 178 8.52 -1.22 -17.52
C TYR D 178 7.71 -2.19 -16.68
N TYR D 179 6.56 -1.75 -16.18
CA TYR D 179 5.72 -2.58 -15.32
C TYR D 179 4.86 -3.57 -16.11
N SER D 180 5.20 -3.83 -17.37
CA SER D 180 4.49 -4.83 -18.15
C SER D 180 5.19 -6.18 -18.07
N GLU D 181 4.50 -7.22 -18.54
CA GLU D 181 5.10 -8.55 -18.55
C GLU D 181 6.00 -8.80 -19.77
N THR D 182 6.16 -7.82 -20.65
CA THR D 182 7.24 -7.92 -21.62
C THR D 182 8.59 -7.96 -20.93
N THR D 183 8.66 -7.44 -19.71
CA THR D 183 9.88 -7.51 -18.91
C THR D 183 10.12 -8.89 -18.31
N VAL D 184 9.07 -9.58 -17.83
CA VAL D 184 9.27 -10.90 -17.25
C VAL D 184 9.79 -11.87 -18.30
N THR D 185 9.28 -11.77 -19.53
CA THR D 185 9.85 -12.55 -20.63
C THR D 185 11.30 -12.14 -20.88
N ARG D 186 11.64 -10.86 -20.73
CA ARG D 186 13.04 -10.38 -20.87
C ARG D 186 13.89 -10.86 -19.69
N THR D 187 13.42 -10.75 -18.45
CA THR D 187 14.15 -11.20 -17.23
C THR D 187 14.48 -12.69 -17.37
N TYR D 188 13.55 -13.51 -17.87
CA TYR D 188 13.76 -14.95 -18.07
C TYR D 188 14.79 -15.16 -19.18
N VAL D 189 14.69 -14.42 -20.29
CA VAL D 189 15.68 -14.50 -21.40
C VAL D 189 17.06 -14.18 -20.82
N MET D 190 17.19 -13.12 -20.03
CA MET D 190 18.49 -12.69 -19.47
C MET D 190 18.99 -13.75 -18.49
N LEU D 191 18.10 -14.28 -17.65
CA LEU D 191 18.47 -15.31 -16.66
C LEU D 191 18.95 -16.57 -17.40
N ALA D 192 18.41 -16.86 -18.57
CA ALA D 192 18.76 -18.08 -19.35
C ALA D 192 19.89 -17.77 -20.34
N LEU D 193 20.13 -16.51 -20.69
CA LEU D 193 21.27 -16.13 -21.56
C LEU D 193 22.51 -16.00 -20.68
N VAL D 194 22.35 -15.59 -19.42
CA VAL D 194 23.49 -15.38 -18.47
C VAL D 194 23.98 -16.74 -18.00
N TRP D 195 23.08 -17.71 -17.83
CA TRP D 195 23.46 -19.05 -17.30
C TRP D 195 23.90 -19.97 -18.44
N GLY D 196 23.41 -19.82 -19.68
CA GLY D 196 23.93 -20.60 -20.79
C GLY D 196 25.34 -20.18 -21.16
N GLY D 197 25.60 -18.87 -21.18
CA GLY D 197 26.94 -18.38 -21.43
C GLY D 197 27.91 -18.81 -20.34
N ALA D 198 27.46 -18.76 -19.08
CA ALA D 198 28.31 -19.23 -17.99
C ALA D 198 28.64 -20.71 -18.14
N LEU D 199 27.65 -21.53 -18.48
CA LEU D 199 27.89 -22.95 -18.68
C LEU D 199 28.83 -23.19 -19.85
N GLY D 200 28.63 -22.47 -20.95
CA GLY D 200 29.51 -22.64 -22.09
C GLY D 200 30.94 -22.26 -21.79
N LEU D 201 31.14 -21.19 -21.03
CA LEU D 201 32.49 -20.74 -20.71
C LEU D 201 33.14 -21.60 -19.64
N GLY D 202 32.35 -22.16 -18.73
CA GLY D 202 32.87 -23.08 -17.73
C GLY D 202 32.98 -24.51 -18.17
N LEU D 203 32.52 -24.81 -19.39
CA LEU D 203 32.72 -26.15 -19.93
C LEU D 203 34.15 -26.37 -20.43
N LEU D 204 34.83 -25.30 -20.81
CA LEU D 204 36.16 -25.40 -21.42
C LEU D 204 37.16 -26.07 -20.48
N PRO D 205 37.19 -25.72 -19.18
CA PRO D 205 38.18 -26.34 -18.28
C PRO D 205 38.22 -27.86 -18.36
N VAL D 206 37.18 -28.51 -18.90
CA VAL D 206 37.20 -29.94 -19.18
C VAL D 206 37.20 -30.12 -20.69
N LEU D 207 38.22 -30.80 -21.20
CA LEU D 207 38.36 -31.02 -22.64
C LEU D 207 38.41 -29.65 -23.32
N ALA D 208 38.08 -29.60 -24.61
CA ALA D 208 38.02 -28.36 -25.38
C ALA D 208 39.32 -27.57 -25.27
N TRP D 209 40.43 -28.27 -25.50
CA TRP D 209 41.76 -27.68 -25.52
C TRP D 209 42.04 -26.89 -24.23
N ASN D 210 42.05 -27.62 -23.11
CA ASN D 210 42.50 -26.98 -21.87
C ASN D 210 43.55 -27.89 -21.21
N CYS D 211 44.74 -27.89 -21.79
CA CYS D 211 46.00 -28.27 -21.15
C CYS D 211 45.87 -29.50 -20.24
N LEU D 212 44.92 -30.39 -20.54
CA LEU D 212 44.86 -31.65 -19.81
C LEU D 212 46.04 -32.56 -20.15
N ASP D 213 46.56 -32.47 -21.37
CA ASP D 213 47.75 -33.21 -21.78
C ASP D 213 48.99 -32.33 -21.84
N GLY D 214 48.85 -31.02 -21.63
CA GLY D 214 50.00 -30.13 -21.64
C GLY D 214 50.45 -29.66 -23.00
N LEU D 215 49.76 -30.05 -24.07
CA LEU D 215 50.16 -29.61 -25.40
C LEU D 215 49.92 -28.10 -25.57
N THR D 216 48.74 -27.63 -25.20
CA THR D 216 48.44 -26.22 -25.28
C THR D 216 49.01 -25.48 -24.08
N THR D 217 49.38 -24.21 -24.31
CA THR D 217 49.98 -23.41 -23.25
C THR D 217 49.04 -23.29 -22.07
N CYS D 218 49.61 -23.38 -20.87
CA CYS D 218 48.83 -23.35 -19.63
C CYS D 218 49.73 -22.73 -18.56
N GLY D 219 49.33 -22.84 -17.31
CA GLY D 219 50.19 -22.43 -16.21
C GLY D 219 49.83 -21.11 -15.54
N VAL D 220 49.30 -20.15 -16.31
CA VAL D 220 48.90 -18.88 -15.71
C VAL D 220 47.91 -19.14 -14.57
N VAL D 221 46.93 -20.00 -14.82
CA VAL D 221 46.16 -20.64 -13.76
C VAL D 221 46.08 -22.11 -14.14
N TYR D 222 46.81 -22.95 -13.41
CA TYR D 222 47.14 -24.30 -13.89
C TYR D 222 45.96 -25.08 -14.43
N PRO D 223 44.81 -25.14 -13.76
CA PRO D 223 43.68 -25.93 -14.31
C PRO D 223 43.03 -25.31 -15.53
N LEU D 224 43.43 -24.12 -15.96
CA LEU D 224 42.87 -23.47 -17.14
C LEU D 224 43.98 -23.07 -18.10
N SER D 225 43.73 -23.29 -19.39
CA SER D 225 44.68 -22.87 -20.41
C SER D 225 44.65 -21.35 -20.58
N LYS D 226 45.75 -20.81 -21.11
CA LYS D 226 45.86 -19.36 -21.23
C LYS D 226 44.86 -18.79 -22.23
N ASN D 227 44.54 -19.56 -23.28
CA ASN D 227 43.62 -19.06 -24.29
C ASN D 227 42.21 -18.84 -23.72
N HIS D 228 41.70 -19.85 -23.01
CA HIS D 228 40.37 -19.73 -22.42
C HIS D 228 40.34 -18.62 -21.37
N LEU D 229 41.39 -18.53 -20.55
CA LEU D 229 41.46 -17.48 -19.55
C LEU D 229 41.49 -16.10 -20.19
N VAL D 230 42.21 -15.95 -21.29
CA VAL D 230 42.26 -14.68 -21.99
C VAL D 230 40.89 -14.35 -22.59
N VAL D 231 40.19 -15.37 -23.09
CA VAL D 231 38.84 -15.14 -23.59
C VAL D 231 37.93 -14.63 -22.48
N LEU D 232 38.01 -15.25 -21.31
CA LEU D 232 37.22 -14.79 -20.17
C LEU D 232 37.57 -13.36 -19.80
N ALA D 233 38.87 -13.05 -19.76
CA ALA D 233 39.31 -11.70 -19.42
C ALA D 233 38.85 -10.66 -20.42
N ILE D 234 38.87 -10.97 -21.71
CA ILE D 234 38.39 -10.04 -22.72
C ILE D 234 36.88 -9.85 -22.60
N ALA D 235 36.15 -10.94 -22.34
CA ALA D 235 34.72 -10.80 -22.10
C ALA D 235 34.45 -9.91 -20.89
N PHE D 236 35.32 -9.96 -19.89
CA PHE D 236 35.17 -9.07 -18.74
C PHE D 236 35.21 -7.60 -19.17
N PHE D 237 36.19 -7.23 -19.99
CA PHE D 237 36.25 -5.85 -20.47
C PHE D 237 35.05 -5.51 -21.34
N MET D 238 34.59 -6.48 -22.15
CA MET D 238 33.38 -6.26 -22.94
C MET D 238 32.20 -5.90 -22.05
N VAL D 239 32.05 -6.61 -20.92
CA VAL D 239 30.98 -6.32 -19.99
C VAL D 239 31.20 -4.97 -19.32
N PHE D 240 32.45 -4.68 -18.96
CA PHE D 240 32.76 -3.46 -18.22
C PHE D 240 32.45 -2.22 -19.05
N GLY D 241 32.77 -2.23 -20.34
CA GLY D 241 32.47 -1.08 -21.18
C GLY D 241 30.97 -0.81 -21.27
N ILE D 242 30.18 -1.87 -21.45
CA ILE D 242 28.73 -1.72 -21.53
C ILE D 242 28.17 -1.20 -20.21
N MET D 243 28.69 -1.72 -19.09
CA MET D 243 28.25 -1.22 -17.78
C MET D 243 28.59 0.26 -17.62
N LEU D 244 29.79 0.67 -18.03
CA LEU D 244 30.16 2.08 -17.98
C LEU D 244 29.18 2.93 -18.78
N GLN D 245 28.86 2.49 -20.01
CA GLN D 245 27.94 3.25 -20.84
C GLN D 245 26.56 3.35 -20.20
N LEU D 246 26.03 2.24 -19.70
CA LEU D 246 24.70 2.25 -19.11
C LEU D 246 24.65 3.16 -17.89
N TYR D 247 25.66 3.08 -17.02
CA TYR D 247 25.66 3.93 -15.84
C TYR D 247 25.94 5.39 -16.19
N ALA D 248 26.64 5.66 -17.29
CA ALA D 248 26.78 7.04 -17.74
C ALA D 248 25.43 7.61 -18.16
N GLN D 249 24.63 6.81 -18.88
CA GLN D 249 23.29 7.27 -19.23
C GLN D 249 22.42 7.48 -17.99
N ILE D 250 22.50 6.55 -17.03
CA ILE D 250 21.74 6.70 -15.80
C ILE D 250 22.17 7.95 -15.06
N CYS D 251 23.46 8.26 -15.06
CA CYS D 251 23.95 9.48 -14.43
C CYS D 251 23.46 10.72 -15.16
N ARG D 252 23.36 10.65 -16.50
CA ARG D 252 22.76 11.76 -17.24
C ARG D 252 21.34 12.02 -16.76
N ILE D 253 20.55 10.95 -16.61
CA ILE D 253 19.18 11.12 -16.13
C ILE D 253 19.18 11.67 -14.70
N VAL D 254 20.09 11.18 -13.87
CA VAL D 254 20.15 11.65 -12.48
C VAL D 254 20.47 13.13 -12.44
N CYS D 255 21.41 13.59 -13.27
CA CYS D 255 21.73 15.02 -13.31
C CYS D 255 20.54 15.83 -13.82
N ARG D 256 19.84 15.30 -14.82
CA ARG D 256 18.65 16.00 -15.32
C ARG D 256 17.63 16.20 -14.20
N HIS D 257 17.45 15.19 -13.35
CA HIS D 257 16.52 15.32 -12.24
C HIS D 257 17.06 16.26 -11.17
N ALA D 258 18.36 16.14 -10.86
CA ALA D 258 18.96 16.93 -9.79
C ALA D 258 18.89 18.42 -10.09
N GLN D 259 19.20 18.82 -11.33
CA GLN D 259 19.13 20.23 -11.67
C GLN D 259 17.69 20.74 -11.59
N GLN D 260 16.71 19.88 -11.85
CA GLN D 260 15.31 20.30 -11.77
C GLN D 260 14.86 20.47 -10.33
N ILE D 261 15.22 19.54 -9.45
CA ILE D 261 14.76 19.62 -8.06
C ILE D 261 15.30 20.88 -7.39
N ALA D 262 16.57 21.21 -7.63
CA ALA D 262 17.17 22.36 -6.97
C ALA D 262 16.47 23.66 -7.35
N LEU D 263 16.11 23.81 -8.62
CA LEU D 263 15.51 25.06 -9.09
C LEU D 263 14.25 25.43 -8.30
N GLN D 264 13.48 24.45 -7.84
CA GLN D 264 12.27 24.74 -7.09
C GLN D 264 12.56 25.36 -5.73
N ARG D 265 13.78 25.23 -5.23
CA ARG D 265 14.17 25.75 -3.93
C ARG D 265 15.16 26.90 -4.11
N HIS D 266 15.40 27.62 -3.02
CA HIS D 266 16.30 28.77 -3.00
C HIS D 266 16.14 29.64 -4.25
N ARG D 277 27.35 15.21 -3.11
CA ARG D 277 26.25 14.84 -3.99
C ARG D 277 26.03 13.32 -3.88
N LYS D 278 24.81 12.93 -3.52
CA LYS D 278 24.53 11.53 -3.26
C LYS D 278 24.61 10.69 -4.53
N GLY D 279 24.19 11.23 -5.66
CA GLY D 279 24.21 10.47 -6.90
C GLY D 279 25.61 10.06 -7.32
N ILE D 280 26.52 11.02 -7.43
CA ILE D 280 27.88 10.71 -7.81
C ILE D 280 28.58 9.88 -6.75
N ALA D 281 28.26 10.16 -5.47
CA ALA D 281 28.84 9.36 -4.40
C ALA D 281 28.44 7.90 -4.48
N THR D 282 27.17 7.61 -4.77
CA THR D 282 26.72 6.22 -4.91
C THR D 282 27.29 5.59 -6.17
N LEU D 283 27.39 6.36 -7.26
CA LEU D 283 27.99 5.83 -8.48
C LEU D 283 29.46 5.48 -8.25
N ALA D 284 30.18 6.28 -7.48
CA ALA D 284 31.59 6.00 -7.22
C ALA D 284 31.79 4.60 -6.65
N VAL D 285 30.80 4.11 -5.89
CA VAL D 285 30.88 2.76 -5.33
C VAL D 285 30.36 1.78 -6.37
N VAL D 286 29.17 2.02 -6.90
CA VAL D 286 28.51 1.03 -7.76
C VAL D 286 29.36 0.71 -8.97
N LEU D 287 29.85 1.73 -9.67
CA LEU D 287 30.64 1.55 -10.87
C LEU D 287 32.14 1.55 -10.62
N GLY D 288 32.57 1.85 -9.39
CA GLY D 288 33.97 1.93 -9.08
C GLY D 288 34.53 0.70 -8.41
N ALA D 289 33.81 0.17 -7.41
CA ALA D 289 34.31 -0.99 -6.69
C ALA D 289 34.46 -2.20 -7.60
N PHE D 290 33.52 -2.40 -8.53
CA PHE D 290 33.60 -3.52 -9.46
C PHE D 290 34.92 -3.50 -10.23
N ALA D 291 35.26 -2.33 -10.80
CA ALA D 291 36.50 -2.22 -11.56
C ALA D 291 37.72 -2.40 -10.66
N ALA D 292 37.77 -1.68 -9.54
CA ALA D 292 38.91 -1.78 -8.65
C ALA D 292 39.08 -3.19 -8.09
N CYS D 293 38.01 -3.99 -8.10
CA CYS D 293 38.10 -5.35 -7.57
C CYS D 293 38.54 -6.33 -8.65
N TRP D 294 37.98 -6.24 -9.86
CA TRP D 294 38.21 -7.25 -10.88
C TRP D 294 39.39 -6.94 -11.79
N LEU D 295 39.81 -5.67 -11.89
CA LEU D 295 40.86 -5.32 -12.84
C LEU D 295 42.16 -6.06 -12.57
N PRO D 296 42.68 -6.13 -11.33
CA PRO D 296 43.99 -6.75 -11.14
C PRO D 296 44.09 -8.17 -11.68
N PHE D 297 43.10 -9.02 -11.38
CA PHE D 297 43.15 -10.40 -11.87
C PHE D 297 43.08 -10.45 -13.38
N THR D 298 42.22 -9.64 -13.98
CA THR D 298 42.10 -9.61 -15.45
C THR D 298 43.41 -9.16 -16.10
N VAL D 299 44.03 -8.11 -15.53
CA VAL D 299 45.29 -7.63 -16.08
C VAL D 299 46.37 -8.70 -15.94
N TYR D 300 46.42 -9.38 -14.80
CA TYR D 300 47.37 -10.46 -14.63
C TYR D 300 47.15 -11.56 -15.66
N CYS D 301 45.89 -11.92 -15.90
CA CYS D 301 45.59 -12.95 -16.89
C CYS D 301 46.07 -12.53 -18.27
N LEU D 302 45.82 -11.28 -18.66
CA LEU D 302 46.31 -10.81 -19.96
C LEU D 302 47.83 -10.80 -20.03
N LEU D 303 48.50 -10.39 -18.96
CA LEU D 303 49.95 -10.18 -18.99
C LEU D 303 50.73 -11.32 -18.37
N GLY D 304 50.12 -12.09 -17.48
CA GLY D 304 50.87 -13.12 -16.76
C GLY D 304 51.36 -14.21 -17.71
N ASP D 305 52.62 -14.62 -17.52
CA ASP D 305 53.19 -15.72 -18.27
C ASP D 305 52.84 -17.05 -17.60
N ALA D 306 53.12 -18.15 -18.32
CA ALA D 306 52.82 -19.47 -17.79
C ALA D 306 53.58 -19.74 -16.49
N HIS D 307 54.86 -19.39 -16.44
CA HIS D 307 55.70 -19.67 -15.28
C HIS D 307 55.87 -18.45 -14.38
N SER D 308 54.85 -17.58 -14.30
CA SER D 308 54.93 -16.46 -13.38
C SER D 308 54.89 -16.97 -11.94
N PRO D 309 55.49 -16.25 -11.00
CA PRO D 309 55.50 -16.72 -9.61
C PRO D 309 54.10 -16.96 -9.10
N PRO D 310 53.89 -18.02 -8.31
CA PRO D 310 52.52 -18.30 -7.83
C PRO D 310 51.96 -17.23 -6.92
N LEU D 311 52.83 -16.40 -6.31
CA LEU D 311 52.34 -15.38 -5.40
C LEU D 311 51.39 -14.41 -6.11
N TYR D 312 51.66 -14.13 -7.38
CA TYR D 312 50.83 -13.20 -8.14
C TYR D 312 49.39 -13.70 -8.31
N THR D 313 49.21 -15.01 -8.51
CA THR D 313 47.85 -15.53 -8.70
C THR D 313 47.01 -15.29 -7.45
N TYR D 314 47.57 -15.56 -6.27
CA TYR D 314 46.84 -15.35 -5.03
C TYR D 314 46.66 -13.86 -4.76
N LEU D 315 47.74 -13.08 -4.89
CA LEU D 315 47.67 -11.66 -4.55
C LEU D 315 46.62 -10.91 -5.37
N THR D 316 46.40 -11.31 -6.62
CA THR D 316 45.37 -10.70 -7.46
C THR D 316 44.03 -11.42 -7.37
N LEU D 317 43.96 -12.54 -6.65
CA LEU D 317 42.68 -13.24 -6.52
C LEU D 317 41.82 -12.64 -5.42
N LEU D 318 42.42 -12.09 -4.36
CA LEU D 318 41.61 -11.47 -3.31
C LEU D 318 40.82 -10.29 -3.83
N PRO D 319 41.38 -9.37 -4.61
CA PRO D 319 40.53 -8.31 -5.20
C PRO D 319 39.38 -8.85 -6.02
N ALA D 320 39.61 -9.90 -6.80
CA ALA D 320 38.55 -10.48 -7.61
C ALA D 320 37.45 -11.07 -6.74
N THR D 321 37.83 -11.79 -5.69
CA THR D 321 36.84 -12.39 -4.80
C THR D 321 36.12 -11.34 -3.97
N TYR D 322 36.75 -10.18 -3.77
CA TYR D 322 36.11 -9.13 -2.97
C TYR D 322 34.83 -8.64 -3.64
N ASN D 323 34.83 -8.51 -4.96
CA ASN D 323 33.64 -8.06 -5.67
C ASN D 323 32.44 -8.95 -5.34
N SER D 324 32.69 -10.24 -5.11
CA SER D 324 31.62 -11.18 -4.80
C SER D 324 31.10 -11.06 -3.37
N MET D 325 31.81 -10.34 -2.48
CA MET D 325 31.37 -10.18 -1.10
C MET D 325 30.86 -8.77 -0.84
N ILE D 326 30.86 -7.90 -1.85
CA ILE D 326 30.23 -6.59 -1.73
C ILE D 326 29.02 -6.43 -2.65
N ASN D 327 28.83 -7.32 -3.61
CA ASN D 327 27.64 -7.24 -4.47
C ASN D 327 26.34 -7.32 -3.67
N PRO D 328 26.19 -8.23 -2.72
CA PRO D 328 24.98 -8.17 -1.86
C PRO D 328 24.85 -6.84 -1.13
N ILE D 329 25.96 -6.26 -0.69
CA ILE D 329 25.90 -4.99 0.02
C ILE D 329 25.40 -3.89 -0.90
N ILE D 330 25.77 -3.94 -2.18
CA ILE D 330 25.42 -2.86 -3.11
C ILE D 330 24.01 -3.03 -3.63
N TYR D 331 23.66 -4.23 -4.09
CA TYR D 331 22.41 -4.46 -4.80
C TYR D 331 21.30 -5.01 -3.92
N ALA D 332 21.60 -5.53 -2.73
CA ALA D 332 20.58 -6.15 -1.90
C ALA D 332 20.41 -5.42 -0.57
N PHE D 333 21.52 -5.10 0.09
CA PHE D 333 21.44 -4.49 1.41
C PHE D 333 20.79 -3.11 1.35
N ARG D 334 21.06 -2.33 0.31
CA ARG D 334 20.58 -0.96 0.24
C ARG D 334 19.07 -0.88 0.08
N ASN D 335 18.46 -1.84 -0.61
CA ASN D 335 17.02 -1.79 -0.85
C ASN D 335 16.28 -1.76 0.48
N GLN D 336 15.30 -0.87 0.59
CA GLN D 336 14.60 -0.68 1.85
C GLN D 336 13.82 -1.92 2.26
N ASP D 337 13.12 -2.55 1.31
CA ASP D 337 12.31 -3.72 1.66
C ASP D 337 13.19 -4.92 1.98
N VAL D 338 14.25 -5.14 1.19
CA VAL D 338 15.18 -6.22 1.50
C VAL D 338 15.84 -5.98 2.85
N GLN D 339 16.22 -4.73 3.13
CA GLN D 339 16.77 -4.41 4.44
C GLN D 339 15.77 -4.69 5.54
N LYS D 340 14.48 -4.40 5.29
CA LYS D 340 13.46 -4.66 6.29
C LYS D 340 13.35 -6.14 6.60
N VAL D 341 13.31 -6.98 5.57
CA VAL D 341 13.24 -8.42 5.81
C VAL D 341 14.52 -8.91 6.50
N LEU D 342 15.68 -8.38 6.10
CA LEU D 342 16.93 -8.81 6.73
C LEU D 342 16.94 -8.44 8.21
N TRP D 343 16.47 -7.25 8.55
CA TRP D 343 16.39 -6.84 9.96
C TRP D 343 15.40 -7.72 10.71
N ALA D 344 14.25 -8.01 10.09
CA ALA D 344 13.28 -8.88 10.74
C ALA D 344 13.87 -10.24 11.07
N VAL D 345 14.63 -10.82 10.13
CA VAL D 345 15.28 -12.10 10.40
C VAL D 345 16.34 -11.95 11.48
N CYS D 346 17.17 -10.90 11.39
CA CYS D 346 18.26 -10.74 12.35
C CYS D 346 17.73 -10.32 13.71
N CYS D 347 16.82 -9.36 13.76
CA CYS D 347 16.29 -8.87 15.03
C CYS D 347 15.40 -9.93 15.68
C1 PLM E . 40.78 -20.40 -10.88
C1 PLM E . 32.72 -12.20 -17.14
C2 PLM E . 40.69 -19.40 -12.02
C2 PLM E . 31.51 -11.95 -18.02
C3 PLM E . 39.31 -19.11 -12.50
C3 PLM E . 30.28 -12.71 -17.62
C4 PLM E . 39.26 -17.98 -13.50
C4 PLM E . 29.17 -12.60 -18.65
C5 PLM E . 37.87 -17.54 -13.88
C5 PLM E . 28.15 -13.71 -18.56
C6 PLM E . 37.83 -16.22 -14.60
C6 PLM E . 27.00 -13.58 -19.54
C7 PLM E . 36.44 -15.71 -14.85
C7 PLM E . 26.40 -12.21 -19.60
C8 PLM E . 36.41 -14.31 -15.42
C8 PLM E . 25.12 -12.11 -20.36
C9 PLM E . 35.04 -13.85 -15.83
C9 PLM E . 24.57 -10.71 -20.41
CA PLM E . 35.00 -12.43 -16.33
CA PLM E . 23.08 -10.64 -20.59
CB PLM E . 33.71 -12.05 -17.00
CB PLM E . 22.62 -9.48 -21.43
CC PLM E . 33.59 -12.60 -18.39
CC PLM E . 21.15 -9.22 -21.33
CD PLM E . 32.30 -12.24 -19.09
CD PLM E . 20.60 -8.31 -22.38
CE PLM E . 31.07 -12.59 -18.29
CE PLM E . 19.10 -8.14 -22.31
CF PLM E . 29.85 -12.80 -19.15
CF PLM E . 18.50 -7.39 -23.46
CG PLM E . 28.56 -12.74 -18.38
CG PLM E . 17.00 -7.36 -23.42
H21 PLM E . 41.23 -19.74 -12.78
H21 PLM E . 31.30 -10.99 -17.99
H22 PLM E . 41.11 -18.56 -11.73
H22 PLM E . 31.74 -12.17 -18.94
H31 PLM E . 38.75 -18.88 -11.73
H31 PLM E . 29.95 -12.37 -16.77
H32 PLM E . 38.94 -19.92 -12.91
H32 PLM E . 30.52 -13.64 -17.50
H41 PLM E . 39.73 -18.26 -14.31
H41 PLM E . 29.57 -12.62 -19.55
H42 PLM E . 39.75 -17.21 -13.14
H42 PLM E . 28.71 -11.75 -18.54
H51 PLM E . 37.34 -17.46 -13.06
H51 PLM E . 27.79 -13.72 -17.66
H52 PLM E . 37.47 -18.23 -14.44
H52 PLM E . 28.60 -14.57 -18.72
H61 PLM E . 38.29 -16.33 -15.46
H61 PLM E . 26.30 -14.22 -19.27
H62 PLM E . 38.33 -15.56 -14.08
H62 PLM E . 27.32 -13.83 -20.43
H71 PLM E . 35.95 -15.71 -14.00
H71 PLM E . 27.06 -11.59 -20.00
H72 PLM E . 35.99 -16.31 -15.47
H72 PLM E . 26.24 -11.90 -18.68
H81 PLM E . 37.00 -14.28 -16.20
H81 PLM E . 24.45 -12.70 -19.94
H82 PLM E . 36.75 -13.70 -14.75
H82 PLM E . 25.27 -12.43 -21.27
H91 PLM E . 34.43 -13.95 -15.08
H91 PLM E . 24.99 -10.23 -21.15
H92 PLM E . 34.72 -14.45 -16.55
H92 PLM E . 24.81 -10.24 -19.58
HA1 PLM E . 35.73 -12.31 -16.97
HA1 PLM E . 22.66 -10.57 -19.70
HA2 PLM E . 35.16 -11.84 -15.58
HA2 PLM E . 22.77 -11.47 -21.00
HB1 PLM E . 33.65 -11.08 -17.03
HB1 PLM E . 22.84 -9.67 -22.37
HB2 PLM E . 32.96 -12.39 -16.46
HB2 PLM E . 23.11 -8.68 -21.16
HC1 PLM E . 33.67 -13.57 -18.36
HC1 PLM E . 20.97 -8.82 -20.45
HC2 PLM E . 34.33 -12.25 -18.93
HC2 PLM E . 20.67 -10.08 -21.38
HD1 PLM E . 32.26 -12.71 -19.94
HD1 PLM E . 20.83 -8.66 -23.26
HD2 PLM E . 32.29 -11.28 -19.27
HD2 PLM E . 21.01 -7.43 -22.29
HE1 PLM E . 30.88 -11.86 -17.66
HE1 PLM E . 18.88 -7.66 -21.47
HE2 PLM E . 31.24 -13.40 -17.78
HE2 PLM E . 18.69 -9.02 -22.26
HF1 PLM E . 29.92 -13.68 -19.59
HF1 PLM E . 18.79 -7.81 -24.30
HF2 PLM E . 29.83 -12.11 -19.85
HF2 PLM E . 18.85 -6.47 -23.45
HG1 PLM E . 28.50 -11.89 -17.92
HG1 PLM E . 16.65 -8.26 -23.46
HG2 PLM E . 28.54 -13.46 -17.73
HG2 PLM E . 16.71 -6.94 -22.59
HG3 PLM E . 27.81 -12.82 -18.99
HG3 PLM E . 16.67 -6.85 -24.18
#